data_2LL4
#
_entry.id   2LL4
#
loop_
_entity.id
_entity.type
_entity.pdbx_description
1 polymer 'Micronemal protein 4'
2 branched beta-D-galactopyranose-(1-3)-2-acetamido-2-deoxy-beta-D-glucopyranose
#
_entity_poly.entity_id   1
_entity_poly.type   'polypeptide(L)'
_entity_poly.pdbx_seq_one_letter_code
;SPDFHDEVECVHTGNIGSKAQTIGEVKRASSLSECRARCQAEKECSHYTYNVKSGLCYPKRGKPQFYKYLGDMTGSRTCD
TS
;
_entity_poly.pdbx_strand_id   M
#
loop_
_chem_comp.id
_chem_comp.type
_chem_comp.name
_chem_comp.formula
GAL D-saccharide, beta linking beta-D-galactopyranose 'C6 H12 O6'
NAG D-saccharide, beta linking 2-acetamido-2-deoxy-beta-D-glucopyranose 'C8 H15 N O6'
#
# COMPACT_ATOMS: atom_id res chain seq x y z
N CYS A 10 -9.08 0.63 11.28
CA CYS A 10 -8.17 0.25 10.18
C CYS A 10 -8.12 1.34 9.13
N VAL A 11 -6.94 1.55 8.55
CA VAL A 11 -6.76 2.56 7.53
C VAL A 11 -6.98 1.94 6.16
N HIS A 12 -7.62 2.66 5.26
CA HIS A 12 -7.88 2.15 3.91
C HIS A 12 -7.98 3.29 2.91
N THR A 13 -9.08 4.02 2.99
CA THR A 13 -9.34 5.12 2.07
C THR A 13 -8.92 6.45 2.67
N GLY A 14 -7.97 7.10 2.01
CA GLY A 14 -7.49 8.38 2.49
C GLY A 14 -6.46 8.97 1.56
N ASN A 15 -5.86 10.07 1.97
CA ASN A 15 -4.83 10.74 1.17
C ASN A 15 -3.50 10.69 1.90
N ILE A 16 -3.23 9.53 2.49
CA ILE A 16 -2.00 9.34 3.25
C ILE A 16 -1.13 8.24 2.65
N GLY A 17 0.00 8.64 2.10
CA GLY A 17 0.92 7.69 1.53
C GLY A 17 1.96 7.28 2.53
N SER A 18 2.54 6.10 2.35
CA SER A 18 3.55 5.63 3.27
C SER A 18 4.94 5.69 2.65
N LYS A 19 5.75 6.62 3.12
CA LYS A 19 7.11 6.78 2.63
C LYS A 19 8.02 5.76 3.32
N ALA A 20 7.70 4.49 3.14
CA ALA A 20 8.46 3.42 3.75
C ALA A 20 9.07 2.55 2.66
N GLN A 21 10.03 1.72 3.06
CA GLN A 21 10.71 0.84 2.13
C GLN A 21 9.79 -0.27 1.63
N THR A 22 9.76 -0.47 0.33
CA THR A 22 8.95 -1.51 -0.28
C THR A 22 9.73 -2.83 -0.27
N ILE A 23 9.01 -3.93 -0.10
CA ILE A 23 9.62 -5.25 -0.04
C ILE A 23 10.34 -5.59 -1.35
N GLY A 24 9.62 -5.45 -2.47
CA GLY A 24 10.22 -5.75 -3.75
C GLY A 24 9.94 -4.68 -4.78
N GLU A 25 9.82 -5.10 -6.03
CA GLU A 25 9.54 -4.18 -7.12
C GLU A 25 8.11 -3.67 -7.04
N VAL A 26 7.92 -2.39 -7.28
CA VAL A 26 6.61 -1.79 -7.23
C VAL A 26 5.85 -2.08 -8.52
N LYS A 27 4.96 -3.06 -8.46
CA LYS A 27 4.18 -3.45 -9.63
C LYS A 27 2.76 -2.91 -9.49
N ARG A 28 2.10 -2.72 -10.62
CA ARG A 28 0.73 -2.20 -10.62
C ARG A 28 -0.27 -3.32 -10.33
N ALA A 29 -1.44 -2.94 -9.86
CA ALA A 29 -2.49 -3.89 -9.54
C ALA A 29 -3.81 -3.44 -10.13
N SER A 30 -4.64 -4.42 -10.49
CA SER A 30 -5.95 -4.16 -11.08
C SER A 30 -6.84 -3.29 -10.19
N SER A 31 -6.71 -3.45 -8.88
CA SER A 31 -7.51 -2.68 -7.94
C SER A 31 -6.86 -2.64 -6.56
N LEU A 32 -7.56 -2.04 -5.60
CA LEU A 32 -7.05 -1.95 -4.23
C LEU A 32 -7.03 -3.33 -3.60
N SER A 33 -8.09 -4.10 -3.83
CA SER A 33 -8.19 -5.45 -3.30
C SER A 33 -7.07 -6.32 -3.89
N GLU A 34 -6.68 -6.00 -5.11
CA GLU A 34 -5.60 -6.70 -5.79
C GLU A 34 -4.29 -6.47 -5.04
N CYS A 35 -4.14 -5.25 -4.54
CA CYS A 35 -2.95 -4.88 -3.77
C CYS A 35 -3.00 -5.57 -2.41
N ARG A 36 -4.21 -5.70 -1.87
CA ARG A 36 -4.40 -6.37 -0.58
C ARG A 36 -4.02 -7.83 -0.71
N ALA A 37 -4.42 -8.44 -1.82
CA ALA A 37 -4.10 -9.85 -2.08
C ALA A 37 -2.59 -10.03 -2.17
N ARG A 38 -1.91 -9.06 -2.78
CA ARG A 38 -0.46 -9.11 -2.91
C ARG A 38 0.19 -8.96 -1.53
N CYS A 39 -0.36 -8.06 -0.73
CA CYS A 39 0.15 -7.83 0.62
C CYS A 39 -0.12 -9.05 1.50
N GLN A 40 -1.07 -9.89 1.09
CA GLN A 40 -1.38 -11.11 1.81
C GLN A 40 -0.39 -12.19 1.43
N ALA A 41 0.19 -12.07 0.24
CA ALA A 41 1.16 -13.02 -0.24
C ALA A 41 2.51 -12.76 0.44
N GLU A 42 2.81 -11.48 0.63
CA GLU A 42 4.05 -11.09 1.29
C GLU A 42 3.89 -11.18 2.81
N LYS A 43 4.70 -12.02 3.43
CA LYS A 43 4.64 -12.22 4.87
C LYS A 43 5.20 -11.02 5.64
N GLU A 44 6.01 -10.22 4.97
CA GLU A 44 6.61 -9.05 5.58
C GLU A 44 5.76 -7.80 5.34
N CYS A 45 4.78 -7.91 4.46
CA CYS A 45 3.91 -6.78 4.15
C CYS A 45 2.98 -6.50 5.31
N SER A 46 3.27 -5.46 6.06
CA SER A 46 2.44 -5.09 7.21
C SER A 46 1.41 -4.04 6.81
N HIS A 47 1.64 -3.42 5.65
CA HIS A 47 0.75 -2.38 5.14
C HIS A 47 1.06 -2.11 3.68
N TYR A 48 0.03 -1.88 2.89
CA TYR A 48 0.20 -1.63 1.47
C TYR A 48 -0.38 -0.27 1.10
N THR A 49 0.32 0.44 0.24
CA THR A 49 -0.14 1.74 -0.22
C THR A 49 -0.53 1.64 -1.68
N TYR A 50 -1.82 1.64 -1.95
CA TYR A 50 -2.29 1.57 -3.32
C TYR A 50 -2.48 2.96 -3.88
N ASN A 51 -1.56 3.35 -4.74
CA ASN A 51 -1.62 4.65 -5.38
C ASN A 51 -2.66 4.61 -6.48
N VAL A 52 -3.89 5.02 -6.16
CA VAL A 52 -4.99 5.02 -7.11
C VAL A 52 -4.74 5.99 -8.27
N LYS A 53 -3.81 6.91 -8.08
CA LYS A 53 -3.48 7.88 -9.11
C LYS A 53 -2.80 7.23 -10.30
N SER A 54 -1.96 6.23 -10.04
CA SER A 54 -1.25 5.54 -11.10
C SER A 54 -1.63 4.06 -11.17
N GLY A 55 -2.20 3.55 -10.08
CA GLY A 55 -2.60 2.16 -10.02
C GLY A 55 -1.47 1.25 -9.58
N LEU A 56 -0.53 1.81 -8.82
CA LEU A 56 0.62 1.05 -8.36
C LEU A 56 0.38 0.48 -6.97
N CYS A 57 0.83 -0.75 -6.76
CA CYS A 57 0.69 -1.43 -5.48
C CYS A 57 2.01 -1.32 -4.73
N TYR A 58 1.95 -0.96 -3.45
CA TYR A 58 3.16 -0.80 -2.67
C TYR A 58 3.18 -1.67 -1.41
N PRO A 59 3.65 -2.91 -1.52
CA PRO A 59 3.75 -3.81 -0.37
C PRO A 59 4.97 -3.41 0.47
N LYS A 60 4.74 -2.69 1.55
CA LYS A 60 5.84 -2.19 2.38
C LYS A 60 5.93 -2.89 3.73
N ARG A 61 7.08 -2.72 4.37
CA ARG A 61 7.36 -3.30 5.66
C ARG A 61 7.96 -2.24 6.57
N GLY A 62 8.11 -2.56 7.85
CA GLY A 62 8.69 -1.62 8.80
C GLY A 62 7.76 -0.49 9.17
N LYS A 63 8.33 0.57 9.72
CA LYS A 63 7.58 1.75 10.15
C LYS A 63 7.16 2.59 8.94
N PRO A 64 5.85 2.91 8.83
CA PRO A 64 5.33 3.70 7.73
C PRO A 64 5.35 5.21 8.00
N GLN A 65 5.92 5.96 7.07
CA GLN A 65 5.99 7.40 7.19
C GLN A 65 4.88 8.02 6.35
N PHE A 66 3.75 8.27 6.98
CA PHE A 66 2.59 8.84 6.30
C PHE A 66 2.81 10.28 5.87
N TYR A 67 2.52 10.57 4.61
CA TYR A 67 2.64 11.91 4.06
C TYR A 67 1.37 12.28 3.31
N LYS A 68 1.10 13.58 3.18
CA LYS A 68 -0.09 14.06 2.49
C LYS A 68 0.05 14.00 0.97
N TYR A 69 -0.83 13.23 0.34
CA TYR A 69 -0.82 13.08 -1.11
C TYR A 69 -2.18 12.56 -1.59
N LEU A 70 -2.86 13.34 -2.43
CA LEU A 70 -4.16 12.94 -2.94
C LEU A 70 -3.99 11.85 -4.00
N GLY A 71 -4.14 10.60 -3.58
CA GLY A 71 -4.01 9.49 -4.50
C GLY A 71 -3.40 8.28 -3.84
N ASP A 72 -2.72 8.49 -2.72
CA ASP A 72 -2.08 7.40 -1.99
C ASP A 72 -2.99 6.89 -0.89
N MET A 73 -3.44 5.66 -1.01
CA MET A 73 -4.32 5.05 -0.02
C MET A 73 -3.64 3.86 0.64
N THR A 74 -3.25 4.02 1.90
CA THR A 74 -2.58 2.97 2.63
C THR A 74 -3.57 2.14 3.45
N GLY A 75 -3.49 0.83 3.29
CA GLY A 75 -4.37 -0.07 4.00
C GLY A 75 -3.62 -0.86 5.06
N SER A 76 -4.27 -1.11 6.19
CA SER A 76 -3.65 -1.86 7.31
C SER A 76 -3.57 -3.36 7.03
N ARG A 77 -3.29 -3.70 5.77
CA ARG A 77 -3.17 -5.09 5.31
C ARG A 77 -4.51 -5.82 5.34
N THR A 78 -5.04 -6.04 6.52
CA THR A 78 -6.30 -6.73 6.71
C THR A 78 -7.47 -5.75 6.70
N CYS A 79 -8.56 -6.14 7.37
CA CYS A 79 -9.76 -5.32 7.46
C CYS A 79 -10.39 -5.11 6.08
C1 NAG B . 5.17 11.94 -2.91
C2 NAG B . 5.97 10.99 -3.80
C3 NAG B . 6.58 9.90 -2.93
C4 NAG B . 7.47 10.58 -1.90
C5 NAG B . 6.62 11.54 -1.07
C6 NAG B . 7.43 12.28 -0.02
C7 NAG B . 5.06 10.81 -6.04
C8 NAG B . 4.14 10.06 -6.97
N2 NAG B . 5.09 10.39 -4.79
O1 NAG B . 4.64 13.00 -3.70
O3 NAG B . 7.37 9.02 -3.74
O4 NAG B . 8.06 9.59 -1.06
O5 NAG B . 6.02 12.53 -1.92
O6 NAG B . 6.60 13.10 0.78
O7 NAG B . 5.73 11.75 -6.44
H1 NAG B . 4.37 11.39 -2.41
H2 NAG B . 6.79 11.55 -4.27
H3 NAG B . 5.75 9.38 -2.41
H4 NAG B . 8.24 11.16 -2.44
H5 NAG B . 5.82 10.98 -0.58
H61 NAG B . 8.14 12.92 -0.52
H62 NAG B . 7.96 11.54 0.56
H81 NAG B . 3.50 10.76 -7.48
H82 NAG B . 4.74 9.52 -7.69
H83 NAG B . 3.55 9.36 -6.40
HN2 NAG B . 4.52 9.63 -4.51
HO1 NAG B . 3.69 13.06 -3.54
HO4 NAG B . 8.81 9.23 -1.53
HO6 NAG B . 7.11 13.42 1.54
C1 GAL B . 6.86 7.68 -3.93
C2 GAL B . 7.23 6.82 -2.74
C3 GAL B . 6.65 5.42 -2.94
C4 GAL B . 5.14 5.57 -3.06
C5 GAL B . 4.83 6.48 -4.25
C6 GAL B . 3.34 6.72 -4.45
O2 GAL B . 8.64 6.74 -2.61
O3 GAL B . 6.97 4.61 -1.83
O4 GAL B . 4.62 6.14 -1.87
O5 GAL B . 5.43 7.76 -4.05
O6 GAL B . 3.02 8.11 -4.39
H1 GAL B . 7.26 7.26 -4.86
H2 GAL B . 6.76 7.25 -1.84
H3 GAL B . 7.04 5.02 -3.89
H4 GAL B . 4.70 4.58 -3.27
H5 GAL B . 5.25 6.04 -5.17
H61 GAL B . 2.80 6.26 -3.63
H62 GAL B . 3.05 6.26 -5.38
HO2 GAL B . 9.00 7.51 -3.06
HO3 GAL B . 7.62 5.12 -1.33
HO4 GAL B . 4.39 7.06 -2.03
HO6 GAL B . 2.36 8.25 -3.70
N CYS A 10 -10.88 0.15 10.43
CA CYS A 10 -9.52 -0.16 9.93
C CYS A 10 -8.96 1.05 9.19
N VAL A 11 -7.63 1.08 9.02
CA VAL A 11 -6.99 2.17 8.33
C VAL A 11 -6.99 1.92 6.83
N HIS A 12 -7.62 2.83 6.08
CA HIS A 12 -7.69 2.72 4.63
C HIS A 12 -8.09 4.05 4.03
N THR A 13 -7.69 4.28 2.78
CA THR A 13 -8.01 5.52 2.07
C THR A 13 -7.46 6.72 2.84
N GLY A 14 -8.21 7.82 2.89
CA GLY A 14 -7.78 9.01 3.60
C GLY A 14 -6.65 9.74 2.91
N ASN A 15 -6.44 9.43 1.62
CA ASN A 15 -5.37 10.04 0.80
C ASN A 15 -4.05 10.16 1.57
N ILE A 16 -3.64 9.04 2.16
CA ILE A 16 -2.40 8.99 2.92
C ILE A 16 -1.49 7.90 2.37
N GLY A 17 -0.27 8.27 2.05
CA GLY A 17 0.70 7.31 1.52
C GLY A 17 1.75 6.98 2.56
N SER A 18 2.76 6.22 2.16
CA SER A 18 3.82 5.86 3.08
C SER A 18 5.17 5.89 2.39
N LYS A 19 6.09 6.69 2.92
CA LYS A 19 7.43 6.81 2.37
C LYS A 19 8.32 5.67 2.89
N ALA A 20 7.68 4.60 3.34
CA ALA A 20 8.39 3.44 3.86
C ALA A 20 9.02 2.65 2.73
N GLN A 21 10.03 1.87 3.05
CA GLN A 21 10.74 1.07 2.06
C GLN A 21 9.85 -0.04 1.50
N THR A 22 9.84 -0.17 0.18
CA THR A 22 9.06 -1.18 -0.50
C THR A 22 9.80 -2.52 -0.46
N ILE A 23 9.06 -3.60 -0.20
CA ILE A 23 9.64 -4.94 -0.10
C ILE A 23 10.42 -5.33 -1.35
N GLY A 24 9.83 -5.13 -2.52
CA GLY A 24 10.51 -5.50 -3.74
C GLY A 24 10.21 -4.56 -4.89
N GLU A 25 9.65 -5.12 -5.94
CA GLU A 25 9.32 -4.39 -7.15
C GLU A 25 7.94 -3.76 -7.06
N VAL A 26 7.79 -2.56 -7.62
CA VAL A 26 6.52 -1.86 -7.62
C VAL A 26 5.65 -2.42 -8.75
N LYS A 27 4.69 -3.23 -8.38
CA LYS A 27 3.80 -3.85 -9.35
C LYS A 27 2.54 -3.03 -9.57
N ARG A 28 1.92 -3.22 -10.72
CA ARG A 28 0.70 -2.50 -11.07
C ARG A 28 -0.51 -3.32 -10.64
N ALA A 29 -1.55 -2.63 -10.21
CA ALA A 29 -2.78 -3.28 -9.77
C ALA A 29 -3.98 -2.54 -10.31
N SER A 30 -5.10 -3.24 -10.45
CA SER A 30 -6.31 -2.64 -10.97
C SER A 30 -7.33 -2.39 -9.87
N SER A 31 -6.93 -2.63 -8.62
CA SER A 31 -7.81 -2.43 -7.49
C SER A 31 -7.03 -2.45 -6.18
N LEU A 32 -7.62 -1.92 -5.12
CA LEU A 32 -6.98 -1.92 -3.82
C LEU A 32 -6.87 -3.35 -3.31
N SER A 33 -7.89 -4.14 -3.61
CA SER A 33 -7.93 -5.54 -3.21
C SER A 33 -6.78 -6.32 -3.85
N GLU A 34 -6.43 -5.96 -5.08
CA GLU A 34 -5.34 -6.60 -5.79
C GLU A 34 -4.03 -6.32 -5.05
N CYS A 35 -3.89 -5.07 -4.60
CA CYS A 35 -2.71 -4.66 -3.86
C CYS A 35 -2.65 -5.39 -2.52
N ARG A 36 -3.82 -5.49 -1.88
CA ARG A 36 -3.95 -6.16 -0.60
C ARG A 36 -3.55 -7.63 -0.74
N ALA A 37 -4.09 -8.28 -1.77
CA ALA A 37 -3.80 -9.68 -2.04
C ALA A 37 -2.32 -9.89 -2.30
N ARG A 38 -1.70 -8.95 -3.00
CA ARG A 38 -0.29 -9.05 -3.32
C ARG A 38 0.56 -8.86 -2.05
N CYS A 39 0.14 -7.95 -1.19
CA CYS A 39 0.88 -7.69 0.05
C CYS A 39 0.68 -8.83 1.05
N GLN A 40 -0.44 -9.54 0.96
CA GLN A 40 -0.73 -10.64 1.86
C GLN A 40 0.29 -11.78 1.69
N ALA A 41 0.85 -11.87 0.49
CA ALA A 41 1.84 -12.90 0.20
C ALA A 41 3.15 -12.63 0.95
N GLU A 42 3.36 -11.36 1.26
CA GLU A 42 4.55 -10.93 1.98
C GLU A 42 4.28 -10.91 3.48
N LYS A 43 4.89 -11.82 4.22
CA LYS A 43 4.69 -11.91 5.67
C LYS A 43 5.37 -10.75 6.41
N GLU A 44 5.97 -9.85 5.67
CA GLU A 44 6.63 -8.69 6.26
C GLU A 44 5.83 -7.42 5.97
N CYS A 45 4.69 -7.59 5.31
CA CYS A 45 3.83 -6.47 4.96
C CYS A 45 2.79 -6.21 6.04
N SER A 46 2.82 -4.99 6.58
CA SER A 46 1.86 -4.60 7.61
C SER A 46 1.14 -3.32 7.17
N HIS A 47 1.42 -2.91 5.94
CA HIS A 47 0.83 -1.70 5.38
C HIS A 47 1.12 -1.62 3.89
N TYR A 48 0.06 -1.53 3.09
CA TYR A 48 0.21 -1.47 1.65
C TYR A 48 -0.27 -0.12 1.12
N THR A 49 0.55 0.52 0.31
CA THR A 49 0.19 1.80 -0.28
C THR A 49 -0.22 1.61 -1.73
N TYR A 50 -1.47 1.93 -2.03
CA TYR A 50 -1.98 1.78 -3.39
C TYR A 50 -2.29 3.14 -3.99
N ASN A 51 -1.64 3.45 -5.10
CA ASN A 51 -1.87 4.71 -5.78
C ASN A 51 -2.95 4.54 -6.84
N VAL A 52 -4.12 5.13 -6.59
CA VAL A 52 -5.26 4.99 -7.50
C VAL A 52 -5.10 5.81 -8.78
N LYS A 53 -4.12 6.71 -8.81
CA LYS A 53 -3.90 7.54 -9.99
C LYS A 53 -3.22 6.73 -11.10
N SER A 54 -2.07 6.15 -10.79
CA SER A 54 -1.33 5.37 -11.77
C SER A 54 -1.70 3.89 -11.70
N GLY A 55 -2.26 3.46 -10.57
CA GLY A 55 -2.63 2.08 -10.40
C GLY A 55 -1.44 1.24 -9.95
N LEU A 56 -0.57 1.86 -9.16
CA LEU A 56 0.62 1.18 -8.68
C LEU A 56 0.44 0.72 -7.23
N CYS A 57 0.90 -0.49 -6.97
CA CYS A 57 0.81 -1.08 -5.64
C CYS A 57 2.20 -1.12 -5.03
N TYR A 58 2.32 -0.62 -3.81
CA TYR A 58 3.60 -0.60 -3.12
C TYR A 58 3.56 -1.44 -1.85
N PRO A 59 3.95 -2.71 -1.94
CA PRO A 59 4.00 -3.60 -0.77
C PRO A 59 5.16 -3.18 0.13
N LYS A 60 4.86 -2.49 1.20
CA LYS A 60 5.89 -2.00 2.09
C LYS A 60 5.98 -2.80 3.37
N ARG A 61 7.18 -2.83 3.94
CA ARG A 61 7.45 -3.58 5.16
C ARG A 61 7.93 -2.66 6.28
N GLY A 62 8.32 -3.29 7.39
CA GLY A 62 8.82 -2.55 8.54
C GLY A 62 7.81 -1.58 9.11
N LYS A 63 8.27 -0.41 9.47
CA LYS A 63 7.39 0.62 10.01
C LYS A 63 6.93 1.53 8.89
N PRO A 64 5.74 2.13 9.01
CA PRO A 64 5.21 3.02 7.99
C PRO A 64 5.78 4.43 8.08
N GLN A 65 5.44 5.24 7.08
CA GLN A 65 5.86 6.64 7.01
C GLN A 65 4.74 7.41 6.34
N PHE A 66 3.62 7.47 7.05
CA PHE A 66 2.41 8.13 6.58
C PHE A 66 2.63 9.59 6.21
N TYR A 67 2.32 9.91 4.96
CA TYR A 67 2.42 11.26 4.45
C TYR A 67 1.21 11.55 3.58
N LYS A 68 0.82 12.81 3.49
CA LYS A 68 -0.36 13.18 2.72
C LYS A 68 -0.07 13.30 1.22
N TYR A 69 -0.95 12.71 0.42
CA TYR A 69 -0.82 12.77 -1.04
C TYR A 69 -2.13 12.33 -1.69
N LEU A 70 -2.58 13.08 -2.69
CA LEU A 70 -3.81 12.77 -3.39
C LEU A 70 -3.58 11.63 -4.38
N GLY A 71 -4.12 10.47 -4.06
CA GLY A 71 -3.96 9.32 -4.93
C GLY A 71 -3.37 8.14 -4.19
N ASP A 72 -2.61 8.44 -3.15
CA ASP A 72 -1.97 7.41 -2.35
C ASP A 72 -2.91 6.93 -1.26
N MET A 73 -3.29 5.67 -1.31
CA MET A 73 -4.19 5.10 -0.33
C MET A 73 -3.55 3.92 0.37
N THR A 74 -3.05 4.14 1.58
CA THR A 74 -2.42 3.10 2.35
C THR A 74 -3.42 2.40 3.25
N GLY A 75 -3.36 1.08 3.26
CA GLY A 75 -4.24 0.29 4.08
C GLY A 75 -3.45 -0.62 4.99
N SER A 76 -4.10 -1.15 6.03
CA SER A 76 -3.43 -2.04 6.97
C SER A 76 -3.14 -3.39 6.32
N ARG A 77 -4.15 -4.23 6.24
CA ARG A 77 -4.01 -5.56 5.64
C ARG A 77 -5.37 -6.24 5.56
N THR A 78 -6.18 -6.04 6.59
CA THR A 78 -7.52 -6.62 6.65
C THR A 78 -8.41 -5.79 7.56
N CYS A 79 -9.71 -5.86 7.33
CA CYS A 79 -10.66 -5.10 8.14
C CYS A 79 -11.62 -6.05 8.84
C1 NAG B . 5.09 11.90 -2.94
C2 NAG B . 5.89 10.95 -3.83
C3 NAG B . 6.59 9.94 -2.94
C4 NAG B . 7.51 10.70 -1.99
C5 NAG B . 6.66 11.66 -1.16
C6 NAG B . 7.47 12.49 -0.20
C7 NAG B . 5.17 10.29 -6.06
C8 NAG B . 4.23 9.47 -6.88
N2 NAG B . 4.99 10.27 -4.74
O1 NAG B . 4.46 12.88 -3.75
O3 NAG B . 7.39 9.05 -3.76
O4 NAG B . 8.16 9.78 -1.12
O5 NAG B . 5.97 12.57 -2.03
O6 NAG B . 6.79 13.68 0.18
O7 NAG B . 6.09 10.92 -6.59
H1 NAG B . 4.35 11.32 -2.38
H2 NAG B . 6.66 11.51 -4.38
H3 NAG B . 5.83 9.39 -2.37
H4 NAG B . 8.23 11.28 -2.58
H5 NAG B . 5.90 11.09 -0.61
H61 NAG B . 8.40 12.79 -0.67
H62 NAG B . 7.70 11.85 0.65
H81 NAG B . 3.54 10.12 -7.40
H82 NAG B . 4.78 8.89 -7.60
H83 NAG B . 3.67 8.80 -6.23
HN2 NAG B . 4.25 9.74 -4.37
HO1 NAG B . 3.60 12.53 -4.03
HO4 NAG B . 8.91 9.44 -1.60
HO6 NAG B . 5.97 13.75 -0.32
C1 GAL B . 6.94 7.68 -3.89
C2 GAL B . 7.65 6.80 -2.88
C3 GAL B . 7.14 5.38 -3.02
C4 GAL B . 5.64 5.39 -2.78
C5 GAL B . 4.99 6.33 -3.80
C6 GAL B . 3.49 6.42 -3.62
O2 GAL B . 9.05 6.82 -3.11
O3 GAL B . 7.77 4.56 -2.06
O4 GAL B . 5.38 5.86 -1.46
O5 GAL B . 5.53 7.65 -3.67
O6 GAL B . 2.86 6.86 -4.82
H1 GAL B . 7.14 7.33 -4.91
H2 GAL B . 7.39 7.15 -1.86
H3 GAL B . 7.34 5.04 -4.05
H4 GAL B . 5.24 4.40 -2.94
H5 GAL B . 5.21 5.97 -4.82
H61 GAL B . 3.24 7.16 -2.87
H62 GAL B . 3.11 5.45 -3.32
HO2 GAL B . 9.21 6.56 -4.03
HO3 GAL B . 8.70 4.81 -2.06
HO4 GAL B . 5.12 6.79 -1.54
HO6 GAL B . 1.96 7.18 -4.60
N CYS A 10 -9.84 -0.73 11.24
CA CYS A 10 -8.65 -0.92 10.36
C CYS A 10 -8.38 0.35 9.56
N VAL A 11 -7.11 0.65 9.33
CA VAL A 11 -6.74 1.83 8.56
C VAL A 11 -6.92 1.55 7.07
N HIS A 12 -7.68 2.39 6.41
CA HIS A 12 -7.93 2.24 4.98
C HIS A 12 -8.18 3.60 4.35
N THR A 13 -7.72 3.76 3.12
CA THR A 13 -7.89 5.02 2.38
C THR A 13 -7.16 6.15 3.12
N GLY A 14 -7.91 7.13 3.62
CA GLY A 14 -7.31 8.23 4.35
C GLY A 14 -6.56 9.21 3.47
N ASN A 15 -6.54 8.96 2.15
CA ASN A 15 -5.85 9.81 1.17
C ASN A 15 -4.47 10.25 1.67
N ILE A 16 -3.74 9.29 2.22
CA ILE A 16 -2.42 9.52 2.77
C ILE A 16 -1.49 8.37 2.35
N GLY A 17 -0.31 8.72 1.87
CA GLY A 17 0.63 7.70 1.44
C GLY A 17 1.64 7.37 2.52
N SER A 18 2.38 6.29 2.33
CA SER A 18 3.39 5.88 3.28
C SER A 18 4.75 5.75 2.61
N LYS A 19 5.66 6.65 2.96
CA LYS A 19 7.01 6.64 2.39
C LYS A 19 7.88 5.60 3.09
N ALA A 20 7.38 4.37 3.19
CA ALA A 20 8.11 3.29 3.83
C ALA A 20 8.88 2.47 2.80
N GLN A 21 9.69 1.53 3.27
CA GLN A 21 10.48 0.70 2.39
C GLN A 21 9.61 -0.38 1.73
N THR A 22 9.69 -0.48 0.41
CA THR A 22 8.95 -1.48 -0.32
C THR A 22 9.68 -2.82 -0.23
N ILE A 23 8.92 -3.89 -0.08
CA ILE A 23 9.49 -5.23 0.05
C ILE A 23 10.17 -5.68 -1.24
N GLY A 24 9.51 -5.46 -2.37
CA GLY A 24 10.08 -5.86 -3.63
C GLY A 24 9.81 -4.88 -4.74
N GLU A 25 9.69 -5.42 -5.95
CA GLU A 25 9.45 -4.61 -7.13
C GLU A 25 8.02 -4.04 -7.13
N VAL A 26 7.89 -2.79 -7.54
CA VAL A 26 6.59 -2.12 -7.60
C VAL A 26 5.79 -2.70 -8.77
N LYS A 27 4.60 -3.21 -8.48
CA LYS A 27 3.77 -3.82 -9.50
C LYS A 27 2.47 -3.06 -9.67
N ARG A 28 1.97 -3.01 -10.91
CA ARG A 28 0.73 -2.33 -11.21
C ARG A 28 -0.44 -3.27 -10.94
N ALA A 29 -1.45 -2.76 -10.23
CA ALA A 29 -2.61 -3.56 -9.90
C ALA A 29 -3.85 -3.00 -10.59
N SER A 30 -5.01 -3.57 -10.27
CA SER A 30 -6.27 -3.14 -10.86
C SER A 30 -7.16 -2.46 -9.82
N SER A 31 -6.93 -2.74 -8.54
CA SER A 31 -7.74 -2.17 -7.48
C SER A 31 -7.00 -2.21 -6.15
N LEU A 32 -7.64 -1.69 -5.11
CA LEU A 32 -7.06 -1.70 -3.77
C LEU A 32 -6.98 -3.13 -3.27
N SER A 33 -8.04 -3.90 -3.52
CA SER A 33 -8.09 -5.28 -3.10
C SER A 33 -7.02 -6.08 -3.85
N GLU A 34 -6.80 -5.71 -5.11
CA GLU A 34 -5.79 -6.36 -5.93
C GLU A 34 -4.40 -6.11 -5.34
N CYS A 35 -4.20 -4.89 -4.83
CA CYS A 35 -2.93 -4.52 -4.22
C CYS A 35 -2.75 -5.30 -2.91
N ARG A 36 -3.84 -5.43 -2.17
CA ARG A 36 -3.84 -6.14 -0.90
C ARG A 36 -3.38 -7.58 -1.10
N ALA A 37 -3.78 -8.18 -2.20
CA ALA A 37 -3.43 -9.56 -2.53
C ALA A 37 -1.90 -9.72 -2.66
N ARG A 38 -1.22 -8.66 -3.07
CA ARG A 38 0.23 -8.72 -3.22
C ARG A 38 0.91 -8.70 -1.86
N CYS A 39 0.35 -7.92 -0.95
CA CYS A 39 0.89 -7.83 0.39
C CYS A 39 0.52 -9.06 1.22
N GLN A 40 -0.55 -9.72 0.80
CA GLN A 40 -1.01 -10.93 1.49
C GLN A 40 -0.02 -12.06 1.29
N ALA A 41 0.81 -11.95 0.25
CA ALA A 41 1.81 -12.95 -0.05
C ALA A 41 3.13 -12.64 0.65
N GLU A 42 3.16 -11.54 1.39
CA GLU A 42 4.35 -11.13 2.11
C GLU A 42 4.05 -10.90 3.59
N LYS A 43 4.59 -11.77 4.43
CA LYS A 43 4.38 -11.68 5.88
C LYS A 43 5.05 -10.44 6.47
N GLU A 44 5.87 -9.77 5.67
CA GLU A 44 6.57 -8.58 6.13
C GLU A 44 5.73 -7.32 5.90
N CYS A 45 4.65 -7.46 5.14
CA CYS A 45 3.81 -6.30 4.85
C CYS A 45 2.75 -6.11 5.94
N SER A 46 2.87 -5.01 6.67
CA SER A 46 1.92 -4.68 7.72
C SER A 46 1.10 -3.46 7.31
N HIS A 47 1.35 -2.98 6.10
CA HIS A 47 0.68 -1.81 5.55
C HIS A 47 1.01 -1.66 4.07
N TYR A 48 -0.02 -1.59 3.23
CA TYR A 48 0.19 -1.45 1.80
C TYR A 48 -0.33 -0.11 1.31
N THR A 49 0.41 0.49 0.39
CA THR A 49 0.04 1.75 -0.18
C THR A 49 -0.32 1.58 -1.66
N TYR A 50 -1.55 1.92 -2.01
CA TYR A 50 -2.00 1.79 -3.38
C TYR A 50 -2.27 3.17 -3.97
N ASN A 51 -1.53 3.51 -5.01
CA ASN A 51 -1.70 4.79 -5.68
C ASN A 51 -2.74 4.65 -6.79
N VAL A 52 -3.94 5.17 -6.53
CA VAL A 52 -5.04 5.07 -7.49
C VAL A 52 -4.80 5.93 -8.74
N LYS A 53 -3.85 6.85 -8.65
CA LYS A 53 -3.56 7.74 -9.78
C LYS A 53 -2.91 6.97 -10.93
N SER A 54 -1.99 6.07 -10.61
CA SER A 54 -1.31 5.29 -11.63
C SER A 54 -1.69 3.81 -11.54
N GLY A 55 -2.32 3.42 -10.44
CA GLY A 55 -2.70 2.03 -10.26
C GLY A 55 -1.53 1.17 -9.83
N LEU A 56 -0.54 1.80 -9.21
CA LEU A 56 0.65 1.11 -8.76
C LEU A 56 0.49 0.66 -7.31
N CYS A 57 0.86 -0.58 -7.05
CA CYS A 57 0.77 -1.15 -5.73
C CYS A 57 2.15 -1.16 -5.08
N TYR A 58 2.23 -0.65 -3.86
CA TYR A 58 3.50 -0.59 -3.14
C TYR A 58 3.46 -1.43 -1.86
N PRO A 59 3.82 -2.71 -1.96
CA PRO A 59 3.87 -3.59 -0.78
C PRO A 59 5.04 -3.21 0.10
N LYS A 60 4.77 -2.44 1.15
CA LYS A 60 5.82 -1.96 2.03
C LYS A 60 5.86 -2.70 3.35
N ARG A 61 7.00 -2.61 4.01
CA ARG A 61 7.21 -3.28 5.29
C ARG A 61 7.70 -2.29 6.33
N GLY A 62 8.30 -2.82 7.41
CA GLY A 62 8.84 -2.00 8.47
C GLY A 62 7.80 -1.09 9.11
N LYS A 63 8.19 0.16 9.34
CA LYS A 63 7.30 1.14 9.94
C LYS A 63 6.73 2.04 8.86
N PRO A 64 5.52 2.56 9.06
CA PRO A 64 4.90 3.46 8.09
C PRO A 64 5.48 4.86 8.17
N GLN A 65 5.30 5.63 7.12
CA GLN A 65 5.79 7.00 7.06
C GLN A 65 4.78 7.84 6.29
N PHE A 66 3.65 8.08 6.95
CA PHE A 66 2.55 8.84 6.38
C PHE A 66 2.97 10.21 5.87
N TYR A 67 2.55 10.51 4.65
CA TYR A 67 2.81 11.79 4.02
C TYR A 67 1.61 12.17 3.15
N LYS A 68 1.35 13.46 3.02
CA LYS A 68 0.21 13.93 2.24
C LYS A 68 0.44 13.78 0.74
N TYR A 69 -0.52 13.15 0.07
CA TYR A 69 -0.45 12.95 -1.37
C TYR A 69 -1.84 12.63 -1.92
N LEU A 70 -2.20 13.26 -3.02
CA LEU A 70 -3.51 13.05 -3.64
C LEU A 70 -3.47 11.84 -4.56
N GLY A 71 -3.98 10.71 -4.06
CA GLY A 71 -4.01 9.50 -4.86
C GLY A 71 -3.39 8.31 -4.15
N ASP A 72 -2.75 8.56 -3.02
CA ASP A 72 -2.12 7.49 -2.26
C ASP A 72 -3.06 6.99 -1.16
N MET A 73 -3.44 5.73 -1.25
CA MET A 73 -4.33 5.13 -0.28
C MET A 73 -3.61 4.02 0.48
N THR A 74 -3.42 4.22 1.77
CA THR A 74 -2.74 3.23 2.59
C THR A 74 -3.75 2.38 3.37
N GLY A 75 -3.50 1.07 3.39
CA GLY A 75 -4.37 0.16 4.10
C GLY A 75 -3.57 -0.75 4.99
N SER A 76 -4.20 -1.29 6.03
CA SER A 76 -3.52 -2.19 6.96
C SER A 76 -3.10 -3.48 6.27
N ARG A 77 -4.06 -4.37 6.06
CA ARG A 77 -3.82 -5.65 5.41
C ARG A 77 -5.13 -6.41 5.30
N THR A 78 -5.93 -6.35 6.35
CA THR A 78 -7.22 -7.01 6.38
C THR A 78 -8.19 -6.21 7.24
N CYS A 79 -9.48 -6.36 6.99
CA CYS A 79 -10.50 -5.64 7.74
C CYS A 79 -11.62 -6.59 8.12
C1 NAG B . 5.67 12.14 -2.98
C2 NAG B . 6.44 11.22 -3.92
C3 NAG B . 6.77 9.95 -3.17
C4 NAG B . 7.62 10.31 -1.97
C5 NAG B . 6.82 11.28 -1.09
C6 NAG B . 7.61 11.74 0.13
C7 NAG B . 6.06 11.21 -6.31
C8 NAG B . 5.18 10.78 -7.45
N2 NAG B . 5.64 10.92 -5.08
O1 NAG B . 5.38 13.37 -3.63
O3 NAG B . 7.51 9.05 -4.04
O4 NAG B . 7.94 9.14 -1.24
O5 NAG B . 6.48 12.45 -1.83
O6 NAG B . 7.57 13.16 0.28
O7 NAG B . 7.13 11.79 -6.51
H1 NAG B . 4.74 11.65 -2.65
H2 NAG B . 7.39 11.71 -4.21
H3 NAG B . 5.83 9.49 -2.82
H4 NAG B . 8.53 10.84 -2.32
H5 NAG B . 5.91 10.78 -0.75
H61 NAG B . 8.66 11.47 0.00
H62 NAG B . 7.22 11.21 0.98
H81 NAG B . 5.21 11.52 -8.23
H82 NAG B . 5.54 9.83 -7.84
H83 NAG B . 4.16 10.66 -7.10
HN2 NAG B . 4.78 10.46 -4.97
HO1 NAG B . 5.22 13.23 -4.57
HO4 NAG B . 8.51 8.59 -1.79
HO6 NAG B . 6.97 13.53 -0.38
C1 GAL B . 7.04 7.71 -4.16
C2 GAL B . 7.65 6.86 -3.04
C3 GAL B . 7.12 5.44 -3.16
C4 GAL B . 5.61 5.50 -3.03
C5 GAL B . 5.05 6.39 -4.14
C6 GAL B . 3.55 6.55 -4.06
O2 GAL B . 9.06 6.87 -3.14
O3 GAL B . 7.68 4.66 -2.11
O4 GAL B . 5.27 6.05 -1.76
O5 GAL B . 5.60 7.71 -4.04
O6 GAL B . 3.01 7.06 -5.27
H1 GAL B . 7.30 7.29 -5.14
H2 GAL B . 7.29 7.27 -2.09
H3 GAL B . 7.37 5.04 -4.15
H4 GAL B . 5.21 4.48 -3.15
H5 GAL B . 5.33 5.98 -5.11
H61 GAL B . 3.28 7.24 -3.28
H62 GAL B . 3.13 5.57 -3.84
HO2 GAL B . 9.33 7.48 -3.82
HO3 GAL B . 8.54 5.07 -1.95
HO4 GAL B . 4.82 6.88 -1.90
HO6 GAL B . 2.15 7.45 -5.09
N CYS A 10 -10.40 0.08 10.78
CA CYS A 10 -9.12 -0.33 10.15
C CYS A 10 -8.56 0.80 9.30
N VAL A 11 -7.24 0.85 9.17
CA VAL A 11 -6.59 1.88 8.38
C VAL A 11 -6.75 1.60 6.89
N HIS A 12 -7.36 2.54 6.17
CA HIS A 12 -7.56 2.40 4.74
C HIS A 12 -8.03 3.73 4.14
N THR A 13 -7.61 3.98 2.91
CA THR A 13 -7.99 5.20 2.19
C THR A 13 -7.56 6.47 2.95
N GLY A 14 -8.29 7.56 2.77
CA GLY A 14 -7.97 8.80 3.46
C GLY A 14 -6.79 9.53 2.83
N ASN A 15 -6.54 9.26 1.54
CA ASN A 15 -5.44 9.85 0.77
C ASN A 15 -4.16 9.97 1.59
N ILE A 16 -3.76 8.85 2.17
CA ILE A 16 -2.55 8.77 2.98
C ILE A 16 -1.55 7.81 2.34
N GLY A 17 -0.36 8.32 2.06
CA GLY A 17 0.66 7.49 1.46
C GLY A 17 1.69 7.07 2.49
N SER A 18 2.62 6.22 2.09
CA SER A 18 3.65 5.75 2.99
C SER A 18 5.01 5.75 2.29
N LYS A 19 5.91 6.61 2.75
CA LYS A 19 7.24 6.71 2.18
C LYS A 19 8.17 5.71 2.86
N ALA A 20 7.68 4.48 3.01
CA ALA A 20 8.44 3.41 3.63
C ALA A 20 9.13 2.55 2.58
N GLN A 21 9.95 1.60 3.01
CA GLN A 21 10.66 0.73 2.09
C GLN A 21 9.73 -0.34 1.52
N THR A 22 9.78 -0.50 0.21
CA THR A 22 8.97 -1.51 -0.47
C THR A 22 9.66 -2.87 -0.38
N ILE A 23 8.88 -3.92 -0.14
CA ILE A 23 9.40 -5.27 -0.01
C ILE A 23 10.09 -5.74 -1.29
N GLY A 24 9.42 -5.57 -2.42
CA GLY A 24 9.99 -6.00 -3.68
C GLY A 24 9.67 -5.07 -4.82
N GLU A 25 9.75 -5.59 -6.03
CA GLU A 25 9.49 -4.83 -7.24
C GLU A 25 8.07 -4.27 -7.25
N VAL A 26 7.96 -2.98 -7.56
CA VAL A 26 6.68 -2.30 -7.62
C VAL A 26 5.95 -2.66 -8.91
N LYS A 27 4.73 -3.11 -8.80
CA LYS A 27 3.94 -3.48 -9.97
C LYS A 27 2.59 -2.81 -9.94
N ARG A 28 1.93 -2.76 -11.09
CA ARG A 28 0.62 -2.14 -11.20
C ARG A 28 -0.47 -3.12 -10.80
N ALA A 29 -1.47 -2.62 -10.10
CA ALA A 29 -2.59 -3.44 -9.64
C ALA A 29 -3.88 -2.96 -10.29
N SER A 30 -4.91 -3.77 -10.21
CA SER A 30 -6.20 -3.44 -10.80
C SER A 30 -7.11 -2.73 -9.79
N SER A 31 -6.85 -2.91 -8.50
CA SER A 31 -7.67 -2.30 -7.47
C SER A 31 -6.94 -2.31 -6.12
N LEU A 32 -7.60 -1.77 -5.10
CA LEU A 32 -7.05 -1.74 -3.76
C LEU A 32 -6.98 -3.15 -3.21
N SER A 33 -8.02 -3.94 -3.48
CA SER A 33 -8.07 -5.32 -3.04
C SER A 33 -6.96 -6.13 -3.69
N GLU A 34 -6.70 -5.83 -4.96
CA GLU A 34 -5.64 -6.49 -5.71
C GLU A 34 -4.30 -6.20 -5.06
N CYS A 35 -4.09 -4.95 -4.66
CA CYS A 35 -2.86 -4.53 -4.00
C CYS A 35 -2.78 -5.18 -2.63
N ARG A 36 -3.91 -5.25 -1.94
CA ARG A 36 -3.99 -5.85 -0.62
C ARG A 36 -3.54 -7.30 -0.69
N ALA A 37 -4.13 -8.05 -1.63
CA ALA A 37 -3.80 -9.45 -1.81
C ALA A 37 -2.33 -9.64 -2.15
N ARG A 38 -1.79 -8.71 -2.93
CA ARG A 38 -0.38 -8.78 -3.33
C ARG A 38 0.53 -8.52 -2.13
N CYS A 39 0.04 -7.77 -1.16
CA CYS A 39 0.81 -7.48 0.04
C CYS A 39 0.67 -8.64 1.03
N GLN A 40 -0.53 -9.20 1.10
CA GLN A 40 -0.82 -10.31 1.99
C GLN A 40 -0.05 -11.57 1.58
N ALA A 41 0.59 -11.50 0.42
CA ALA A 41 1.37 -12.61 -0.10
C ALA A 41 2.62 -12.85 0.75
N GLU A 42 3.03 -11.83 1.50
CA GLU A 42 4.21 -11.95 2.33
C GLU A 42 3.92 -11.55 3.78
N LYS A 43 4.64 -12.15 4.71
CA LYS A 43 4.46 -11.89 6.13
C LYS A 43 5.17 -10.61 6.54
N GLU A 44 6.04 -10.12 5.67
CA GLU A 44 6.77 -8.89 5.93
C GLU A 44 5.90 -7.66 5.71
N CYS A 45 4.78 -7.85 5.02
CA CYS A 45 3.87 -6.74 4.75
C CYS A 45 3.15 -6.29 6.00
N SER A 46 3.28 -5.02 6.31
CA SER A 46 2.62 -4.44 7.47
C SER A 46 1.71 -3.29 7.05
N HIS A 47 1.91 -2.81 5.83
CA HIS A 47 1.12 -1.70 5.29
C HIS A 47 1.35 -1.61 3.78
N TYR A 48 0.26 -1.58 3.03
CA TYR A 48 0.34 -1.50 1.58
C TYR A 48 -0.18 -0.15 1.10
N THR A 49 0.54 0.46 0.17
CA THR A 49 0.15 1.74 -0.39
C THR A 49 -0.26 1.58 -1.85
N TYR A 50 -1.53 1.81 -2.14
CA TYR A 50 -2.03 1.71 -3.49
C TYR A 50 -2.26 3.10 -4.05
N ASN A 51 -1.44 3.47 -5.02
CA ASN A 51 -1.55 4.77 -5.66
C ASN A 51 -2.55 4.68 -6.81
N VAL A 52 -3.72 5.29 -6.62
CA VAL A 52 -4.78 5.25 -7.63
C VAL A 52 -4.46 6.13 -8.84
N LYS A 53 -3.41 6.93 -8.74
CA LYS A 53 -3.04 7.82 -9.83
C LYS A 53 -2.42 7.03 -10.98
N SER A 54 -1.47 6.16 -10.65
CA SER A 54 -0.80 5.34 -11.65
C SER A 54 -1.23 3.89 -11.56
N GLY A 55 -1.93 3.55 -10.48
CA GLY A 55 -2.39 2.20 -10.28
C GLY A 55 -1.29 1.30 -9.74
N LEU A 56 -0.23 1.90 -9.25
CA LEU A 56 0.91 1.16 -8.74
C LEU A 56 0.66 0.69 -7.32
N CYS A 57 1.01 -0.56 -7.07
CA CYS A 57 0.85 -1.15 -5.75
C CYS A 57 2.20 -1.19 -5.05
N TYR A 58 2.24 -0.72 -3.81
CA TYR A 58 3.47 -0.69 -3.06
C TYR A 58 3.40 -1.53 -1.80
N PRO A 59 3.81 -2.81 -1.87
CA PRO A 59 3.85 -3.69 -0.71
C PRO A 59 5.04 -3.30 0.17
N LYS A 60 4.78 -2.52 1.21
CA LYS A 60 5.87 -2.04 2.06
C LYS A 60 5.93 -2.74 3.41
N ARG A 61 7.07 -2.62 4.05
CA ARG A 61 7.32 -3.23 5.34
C ARG A 61 7.93 -2.21 6.30
N GLY A 62 8.47 -2.69 7.41
CA GLY A 62 9.11 -1.81 8.38
C GLY A 62 8.15 -0.90 9.11
N LYS A 63 8.61 0.31 9.38
CA LYS A 63 7.80 1.30 10.09
C LYS A 63 6.95 2.10 9.10
N PRO A 64 5.79 2.58 9.53
CA PRO A 64 4.89 3.36 8.69
C PRO A 64 5.33 4.82 8.59
N GLN A 65 5.53 5.28 7.37
CA GLN A 65 5.92 6.67 7.12
C GLN A 65 4.82 7.35 6.33
N PHE A 66 3.72 7.62 7.02
CA PHE A 66 2.55 8.22 6.41
C PHE A 66 2.75 9.68 6.01
N TYR A 67 2.06 10.08 4.95
CA TYR A 67 2.08 11.43 4.45
C TYR A 67 0.79 11.68 3.67
N LYS A 68 0.33 12.92 3.65
CA LYS A 68 -0.92 13.26 2.99
C LYS A 68 -0.70 13.58 1.50
N TYR A 69 -1.35 12.79 0.64
CA TYR A 69 -1.24 12.98 -0.79
C TYR A 69 -2.50 12.46 -1.48
N LEU A 70 -3.19 13.35 -2.20
CA LEU A 70 -4.40 12.96 -2.92
C LEU A 70 -4.05 12.01 -4.07
N GLY A 71 -4.26 10.73 -3.83
CA GLY A 71 -3.96 9.73 -4.83
C GLY A 71 -3.35 8.49 -4.21
N ASP A 72 -2.77 8.66 -3.04
CA ASP A 72 -2.14 7.56 -2.31
C ASP A 72 -3.12 6.98 -1.31
N MET A 73 -3.29 5.67 -1.33
CA MET A 73 -4.21 5.02 -0.42
C MET A 73 -3.53 3.85 0.28
N THR A 74 -3.08 4.09 1.51
CA THR A 74 -2.43 3.07 2.30
C THR A 74 -3.43 2.35 3.20
N GLY A 75 -3.28 1.04 3.31
CA GLY A 75 -4.14 0.25 4.14
C GLY A 75 -3.34 -0.65 5.05
N SER A 76 -3.96 -1.14 6.11
CA SER A 76 -3.29 -2.02 7.06
C SER A 76 -2.95 -3.36 6.42
N ARG A 77 -3.96 -4.20 6.25
CA ARG A 77 -3.79 -5.52 5.66
C ARG A 77 -5.14 -6.18 5.44
N THR A 78 -6.08 -5.90 6.34
CA THR A 78 -7.42 -6.46 6.24
C THR A 78 -8.38 -5.63 7.09
N CYS A 79 -9.66 -5.98 7.03
CA CYS A 79 -10.69 -5.29 7.79
C CYS A 79 -11.74 -6.29 8.23
C1 NAG B . 4.90 11.70 -2.62
C2 NAG B . 5.63 10.95 -3.72
C3 NAG B . 6.47 9.86 -3.07
C4 NAG B . 7.45 10.53 -2.12
C5 NAG B . 6.67 11.30 -1.07
C6 NAG B . 7.56 12.04 -0.09
C7 NAG B . 4.84 10.47 -5.95
C8 NAG B . 3.81 9.80 -6.81
N2 NAG B . 4.68 10.36 -4.65
O1 NAG B . 4.13 12.76 -3.17
O3 NAG B . 7.18 9.12 -4.08
O4 NAG B . 8.26 9.54 -1.50
O5 NAG B . 5.84 12.29 -1.71
O6 NAG B . 7.28 13.42 -0.07
O7 NAG B . 5.79 11.08 -6.46
H1 NAG B . 4.25 11.00 -2.07
H2 NAG B . 6.31 11.64 -4.23
H3 NAG B . 5.79 9.22 -2.49
H4 NAG B . 8.05 11.24 -2.71
H5 NAG B . 6.02 10.61 -0.52
H61 NAG B . 8.59 11.92 -0.40
H62 NAG B . 7.42 11.57 0.87
H81 NAG B . 3.43 8.92 -6.32
H82 NAG B . 2.98 10.48 -6.99
H83 NAG B . 4.26 9.52 -7.76
HN2 NAG B . 3.90 9.86 -4.30
HO1 NAG B . 4.14 12.70 -4.14
HO4 NAG B . 9.01 9.35 -2.09
HO6 NAG B . 6.41 13.58 -0.47
C1 GAL B . 6.78 7.75 -4.27
C2 GAL B . 7.38 6.88 -3.16
C3 GAL B . 6.90 5.45 -3.33
C4 GAL B . 5.38 5.48 -3.24
C5 GAL B . 4.83 6.38 -4.34
C6 GAL B . 3.32 6.48 -4.33
O2 GAL B . 8.80 6.91 -3.25
O3 GAL B . 7.43 4.65 -2.28
O4 GAL B . 4.98 5.98 -1.97
O5 GAL B . 5.36 7.70 -4.19
O6 GAL B . 2.89 7.84 -4.28
H1 GAL B . 7.08 7.38 -5.26
H2 GAL B . 7.02 7.27 -2.18
H3 GAL B . 7.19 5.09 -4.32
H4 GAL B . 5.00 4.46 -3.41
H5 GAL B . 5.16 5.98 -5.31
H61 GAL B . 2.92 6.01 -3.45
H62 GAL B . 2.95 5.97 -5.21
HO2 GAL B . 9.02 7.78 -3.62
HO3 GAL B . 8.16 5.17 -1.94
HO4 GAL B . 4.41 6.74 -2.10
HO6 GAL B . 2.03 7.87 -3.86
N CYS A 10 -12.63 -2.39 4.94
CA CYS A 10 -11.17 -2.36 4.66
C CYS A 10 -10.79 -1.16 3.80
N VAL A 11 -11.71 -0.23 3.61
CA VAL A 11 -11.44 0.96 2.83
C VAL A 11 -10.85 2.05 3.72
N HIS A 12 -9.57 2.33 3.54
CA HIS A 12 -8.89 3.34 4.34
C HIS A 12 -8.85 4.68 3.64
N THR A 13 -8.04 4.76 2.60
CA THR A 13 -7.88 5.99 1.82
C THR A 13 -7.33 7.11 2.71
N GLY A 14 -7.97 8.27 2.69
CA GLY A 14 -7.52 9.38 3.51
C GLY A 14 -6.38 10.15 2.86
N ASN A 15 -5.93 9.65 1.71
CA ASN A 15 -4.85 10.26 0.95
C ASN A 15 -3.58 10.29 1.80
N ILE A 16 -3.22 9.14 2.34
CA ILE A 16 -2.04 9.02 3.18
C ILE A 16 -1.06 8.05 2.56
N GLY A 17 0.15 8.52 2.35
CA GLY A 17 1.18 7.69 1.76
C GLY A 17 2.09 7.10 2.82
N SER A 18 3.23 6.58 2.40
CA SER A 18 4.19 5.98 3.31
C SER A 18 5.59 6.07 2.73
N LYS A 19 6.51 6.65 3.51
CA LYS A 19 7.90 6.80 3.09
C LYS A 19 8.62 5.46 3.16
N ALA A 20 7.94 4.43 3.68
CA ALA A 20 8.53 3.11 3.78
C ALA A 20 8.74 2.52 2.39
N GLN A 21 9.86 1.85 2.21
CA GLN A 21 10.22 1.24 0.93
C GLN A 21 9.41 -0.03 0.66
N THR A 22 9.19 -0.30 -0.62
CA THR A 22 8.44 -1.47 -1.06
C THR A 22 9.26 -2.74 -0.84
N ILE A 23 8.58 -3.84 -0.51
CA ILE A 23 9.24 -5.11 -0.29
C ILE A 23 9.93 -5.60 -1.56
N GLY A 24 9.15 -5.66 -2.64
CA GLY A 24 9.68 -6.10 -3.91
C GLY A 24 9.57 -5.02 -4.97
N GLU A 25 9.21 -5.42 -6.17
CA GLU A 25 9.07 -4.47 -7.27
C GLU A 25 7.67 -3.86 -7.26
N VAL A 26 7.53 -2.73 -7.93
CA VAL A 26 6.23 -2.06 -8.01
C VAL A 26 5.36 -2.73 -9.05
N LYS A 27 4.21 -3.24 -8.62
CA LYS A 27 3.30 -3.91 -9.52
C LYS A 27 1.96 -3.18 -9.57
N ARG A 28 1.25 -3.32 -10.67
CA ARG A 28 -0.04 -2.67 -10.84
C ARG A 28 -1.15 -3.48 -10.17
N ALA A 29 -2.14 -2.77 -9.64
CA ALA A 29 -3.26 -3.40 -8.98
C ALA A 29 -4.57 -2.83 -9.50
N SER A 30 -5.51 -3.70 -9.80
CA SER A 30 -6.80 -3.30 -10.32
C SER A 30 -7.67 -2.61 -9.28
N SER A 31 -7.48 -2.96 -8.01
CA SER A 31 -8.26 -2.37 -6.93
C SER A 31 -7.44 -2.29 -5.65
N LEU A 32 -8.01 -1.68 -4.62
CA LEU A 32 -7.36 -1.54 -3.32
C LEU A 32 -7.10 -2.91 -2.70
N SER A 33 -8.13 -3.75 -2.67
CA SER A 33 -8.01 -5.08 -2.12
C SER A 33 -7.04 -5.92 -2.95
N GLU A 34 -6.95 -5.60 -4.24
CA GLU A 34 -6.04 -6.31 -5.14
C GLU A 34 -4.60 -6.06 -4.69
N CYS A 35 -4.36 -4.89 -4.13
CA CYS A 35 -3.05 -4.52 -3.63
C CYS A 35 -2.77 -5.27 -2.34
N ARG A 36 -3.80 -5.40 -1.51
CA ARG A 36 -3.69 -6.11 -0.23
C ARG A 36 -3.37 -7.57 -0.48
N ALA A 37 -3.86 -8.10 -1.60
CA ALA A 37 -3.63 -9.49 -1.99
C ALA A 37 -2.13 -9.77 -2.13
N ARG A 38 -1.37 -8.75 -2.53
CA ARG A 38 0.07 -8.89 -2.69
C ARG A 38 0.76 -8.70 -1.36
N CYS A 39 0.22 -7.81 -0.55
CA CYS A 39 0.80 -7.51 0.76
C CYS A 39 0.55 -8.65 1.74
N GLN A 40 -0.60 -9.30 1.63
CA GLN A 40 -0.93 -10.40 2.53
C GLN A 40 -0.03 -11.61 2.25
N ALA A 41 0.49 -11.68 1.03
CA ALA A 41 1.36 -12.78 0.65
C ALA A 41 2.71 -12.67 1.35
N GLU A 42 3.18 -11.44 1.52
CA GLU A 42 4.45 -11.21 2.17
C GLU A 42 4.26 -10.95 3.66
N LYS A 43 5.02 -11.66 4.48
CA LYS A 43 4.92 -11.51 5.94
C LYS A 43 5.56 -10.20 6.38
N GLU A 44 6.51 -9.71 5.58
CA GLU A 44 7.21 -8.47 5.89
C GLU A 44 6.28 -7.26 5.79
N CYS A 45 5.21 -7.39 5.04
CA CYS A 45 4.27 -6.29 4.85
C CYS A 45 3.63 -5.89 6.17
N SER A 46 3.78 -4.62 6.50
CA SER A 46 3.19 -4.08 7.72
C SER A 46 2.06 -3.13 7.35
N HIS A 47 2.03 -2.75 6.08
CA HIS A 47 1.04 -1.83 5.55
C HIS A 47 1.24 -1.65 4.04
N TYR A 48 0.16 -1.60 3.29
CA TYR A 48 0.25 -1.44 1.84
C TYR A 48 -0.17 -0.04 1.44
N THR A 49 0.36 0.43 0.33
CA THR A 49 0.02 1.74 -0.19
C THR A 49 -0.40 1.63 -1.66
N TYR A 50 -1.68 1.76 -1.92
CA TYR A 50 -2.18 1.68 -3.28
C TYR A 50 -2.33 3.07 -3.86
N ASN A 51 -1.58 3.35 -4.92
CA ASN A 51 -1.64 4.64 -5.57
C ASN A 51 -2.67 4.62 -6.69
N VAL A 52 -3.85 5.16 -6.40
CA VAL A 52 -4.95 5.20 -7.37
C VAL A 52 -4.64 6.18 -8.51
N LYS A 53 -3.61 7.00 -8.32
CA LYS A 53 -3.23 7.97 -9.32
C LYS A 53 -2.65 7.29 -10.57
N SER A 54 -2.08 6.11 -10.39
CA SER A 54 -1.49 5.39 -11.51
C SER A 54 -1.89 3.90 -11.49
N GLY A 55 -2.54 3.47 -10.42
CA GLY A 55 -2.96 2.09 -10.31
C GLY A 55 -1.83 1.18 -9.89
N LEU A 56 -0.86 1.76 -9.18
CA LEU A 56 0.30 1.01 -8.72
C LEU A 56 0.14 0.60 -7.27
N CYS A 57 0.55 -0.62 -6.97
CA CYS A 57 0.48 -1.15 -5.62
C CYS A 57 1.87 -1.16 -5.00
N TYR A 58 1.96 -0.73 -3.75
CA TYR A 58 3.23 -0.68 -3.06
C TYR A 58 3.20 -1.45 -1.75
N PRO A 59 3.47 -2.77 -1.77
CA PRO A 59 3.53 -3.57 -0.55
C PRO A 59 4.75 -3.16 0.26
N LYS A 60 4.55 -2.40 1.32
CA LYS A 60 5.65 -1.90 2.12
C LYS A 60 5.84 -2.68 3.42
N ARG A 61 7.06 -2.57 3.93
CA ARG A 61 7.46 -3.24 5.16
C ARG A 61 8.03 -2.21 6.13
N GLY A 62 8.59 -2.69 7.23
CA GLY A 62 9.18 -1.81 8.22
C GLY A 62 8.15 -0.99 8.97
N LYS A 63 8.61 0.05 9.65
CA LYS A 63 7.72 0.91 10.40
C LYS A 63 7.02 1.89 9.46
N PRO A 64 5.75 2.18 9.74
CA PRO A 64 4.96 3.10 8.92
C PRO A 64 5.41 4.55 9.03
N GLN A 65 5.58 5.19 7.88
CA GLN A 65 5.98 6.58 7.80
C GLN A 65 4.97 7.31 6.92
N PHE A 66 3.87 7.72 7.52
CA PHE A 66 2.78 8.36 6.80
C PHE A 66 3.06 9.80 6.42
N TYR A 67 2.43 10.22 5.34
CA TYR A 67 2.53 11.59 4.81
C TYR A 67 1.34 11.86 3.90
N LYS A 68 0.88 13.11 3.88
CA LYS A 68 -0.28 13.48 3.07
C LYS A 68 0.06 13.45 1.57
N TYR A 69 -0.74 12.68 0.82
CA TYR A 69 -0.55 12.56 -0.62
C TYR A 69 -1.87 12.23 -1.31
N LEU A 70 -2.34 13.12 -2.16
CA LEU A 70 -3.60 12.93 -2.88
C LEU A 70 -3.45 11.88 -3.98
N GLY A 71 -3.56 10.62 -3.60
CA GLY A 71 -3.44 9.54 -4.56
C GLY A 71 -2.99 8.25 -3.91
N ASP A 72 -2.34 8.37 -2.77
CA ASP A 72 -1.85 7.20 -2.04
C ASP A 72 -2.88 6.73 -1.03
N MET A 73 -3.22 5.44 -1.11
CA MET A 73 -4.19 4.84 -0.21
C MET A 73 -3.52 3.76 0.62
N THR A 74 -3.07 4.11 1.82
CA THR A 74 -2.38 3.17 2.69
C THR A 74 -3.37 2.47 3.64
N GLY A 75 -3.18 1.17 3.81
CA GLY A 75 -4.03 0.38 4.68
C GLY A 75 -3.23 -0.69 5.41
N SER A 76 -3.90 -1.49 6.23
CA SER A 76 -3.24 -2.54 6.98
C SER A 76 -3.19 -3.84 6.17
N ARG A 77 -2.20 -4.67 6.45
CA ARG A 77 -2.01 -5.92 5.71
C ARG A 77 -3.25 -6.82 5.78
N THR A 78 -4.00 -6.73 6.87
CA THR A 78 -5.19 -7.55 7.04
C THR A 78 -6.47 -6.77 6.72
N CYS A 79 -6.33 -5.51 6.34
CA CYS A 79 -7.49 -4.67 6.04
C CYS A 79 -7.04 -3.30 5.56
C1 NAG B . 5.76 11.76 -3.42
C2 NAG B . 6.52 10.62 -4.08
C3 NAG B . 6.82 9.55 -3.04
C4 NAG B . 7.65 10.21 -1.94
C5 NAG B . 6.86 11.37 -1.35
C6 NAG B . 7.60 12.11 -0.24
C7 NAG B . 6.23 9.61 -6.27
C8 NAG B . 5.28 8.98 -7.25
N2 NAG B . 5.70 10.04 -5.14
O1 NAG B . 5.51 12.78 -4.37
O3 NAG B . 7.57 8.48 -3.63
O4 NAG B . 7.96 9.26 -0.93
O5 NAG B . 6.55 12.32 -2.37
O6 NAG B . 8.99 12.20 -0.53
O7 NAG B . 7.43 9.69 -6.52
H1 NAG B . 4.82 11.40 -2.99
H2 NAG B . 7.47 10.99 -4.49
H3 NAG B . 5.87 9.22 -2.59
H4 NAG B . 8.57 10.63 -2.40
H5 NAG B . 5.90 10.98 -0.94
H61 NAG B . 7.50 11.53 0.66
H62 NAG B . 7.14 13.06 -0.12
H81 NAG B . 5.84 8.36 -7.93
H82 NAG B . 4.56 8.37 -6.72
H83 NAG B . 4.76 9.74 -7.80
HN2 NAG B . 4.73 9.95 -4.99
HO1 NAG B . 5.54 13.61 -3.90
HO4 NAG B . 8.30 8.47 -1.39
HO6 NAG B . 9.12 12.81 -1.28
C1 GAL B . 6.92 7.21 -3.78
C2 GAL B . 7.15 6.35 -2.54
C3 GAL B . 6.45 5.02 -2.73
C4 GAL B . 4.96 5.29 -2.94
C5 GAL B . 4.80 6.20 -4.16
C6 GAL B . 3.35 6.55 -4.45
O2 GAL B . 8.55 6.14 -2.35
O3 GAL B . 6.64 4.22 -1.58
O4 GAL B . 4.42 5.93 -1.78
O5 GAL B . 5.51 7.43 -3.97
O6 GAL B . 3.12 6.68 -5.84
H1 GAL B . 7.29 6.69 -4.67
H2 GAL B . 6.69 6.87 -1.68
H3 GAL B . 6.86 4.54 -3.64
H4 GAL B . 4.46 4.35 -3.17
H5 GAL B . 5.22 5.69 -5.05
H61 GAL B . 3.14 7.52 -4.00
H62 GAL B . 2.72 5.81 -3.99
HO2 GAL B . 9.00 6.45 -3.15
HO3 GAL B . 7.58 4.28 -1.34
HO4 GAL B . 3.63 6.45 -2.03
HO6 GAL B . 2.24 7.04 -5.98
N CYS A 10 -9.98 -0.07 10.67
CA CYS A 10 -8.80 -0.47 9.86
C CYS A 10 -8.36 0.69 8.99
N VAL A 11 -7.07 0.76 8.70
CA VAL A 11 -6.54 1.84 7.87
C VAL A 11 -6.93 1.62 6.41
N HIS A 12 -7.60 2.60 5.82
CA HIS A 12 -8.02 2.52 4.44
C HIS A 12 -8.29 3.91 3.86
N THR A 13 -7.67 4.20 2.72
CA THR A 13 -7.85 5.48 2.04
C THR A 13 -7.48 6.66 2.95
N GLY A 14 -8.19 7.78 2.81
CA GLY A 14 -7.91 8.95 3.62
C GLY A 14 -6.75 9.75 3.08
N ASN A 15 -6.50 9.65 1.77
CA ASN A 15 -5.41 10.36 1.08
C ASN A 15 -4.12 10.36 1.89
N ILE A 16 -3.70 9.18 2.31
CA ILE A 16 -2.49 9.02 3.09
C ILE A 16 -1.57 8.01 2.44
N GLY A 17 -0.34 8.43 2.17
CA GLY A 17 0.63 7.54 1.56
C GLY A 17 1.65 7.07 2.57
N SER A 18 2.49 6.13 2.16
CA SER A 18 3.52 5.60 3.05
C SER A 18 4.89 5.71 2.41
N LYS A 19 5.69 6.64 2.90
CA LYS A 19 7.04 6.83 2.41
C LYS A 19 7.99 5.87 3.13
N ALA A 20 7.75 4.58 2.92
CA ALA A 20 8.54 3.54 3.57
C ALA A 20 9.18 2.63 2.53
N GLN A 21 10.02 1.71 3.01
CA GLN A 21 10.71 0.77 2.14
C GLN A 21 9.74 -0.27 1.57
N THR A 22 9.83 -0.49 0.26
CA THR A 22 8.98 -1.45 -0.43
C THR A 22 9.58 -2.86 -0.35
N ILE A 23 8.73 -3.86 -0.22
CA ILE A 23 9.17 -5.25 -0.11
C ILE A 23 9.88 -5.73 -1.38
N GLY A 24 9.32 -5.43 -2.54
CA GLY A 24 9.94 -5.87 -3.77
C GLY A 24 9.63 -4.97 -4.96
N GLU A 25 9.50 -5.60 -6.13
CA GLU A 25 9.22 -4.88 -7.37
C GLU A 25 7.81 -4.27 -7.36
N VAL A 26 7.72 -3.03 -7.80
CA VAL A 26 6.45 -2.33 -7.86
C VAL A 26 5.62 -2.87 -9.02
N LYS A 27 4.43 -3.36 -8.72
CA LYS A 27 3.56 -3.93 -9.74
C LYS A 27 2.25 -3.16 -9.84
N ARG A 28 1.64 -3.20 -11.01
CA ARG A 28 0.38 -2.53 -11.25
C ARG A 28 -0.78 -3.37 -10.71
N ALA A 29 -1.75 -2.71 -10.10
CA ALA A 29 -2.90 -3.38 -9.55
C ALA A 29 -4.17 -2.84 -10.18
N SER A 30 -5.19 -3.69 -10.28
CA SER A 30 -6.46 -3.30 -10.86
C SER A 30 -7.40 -2.72 -9.80
N SER A 31 -7.07 -2.93 -8.53
CA SER A 31 -7.90 -2.44 -7.44
C SER A 31 -7.13 -2.48 -6.12
N LEU A 32 -7.77 -1.97 -5.06
CA LEU A 32 -7.17 -1.95 -3.74
C LEU A 32 -7.00 -3.38 -3.22
N SER A 33 -8.04 -4.17 -3.36
CA SER A 33 -8.02 -5.57 -2.93
C SER A 33 -6.92 -6.33 -3.69
N GLU A 34 -6.75 -5.95 -4.96
CA GLU A 34 -5.72 -6.56 -5.81
C GLU A 34 -4.34 -6.29 -5.22
N CYS A 35 -4.18 -5.09 -4.68
CA CYS A 35 -2.93 -4.68 -4.07
C CYS A 35 -2.74 -5.39 -2.73
N ARG A 36 -3.84 -5.52 -1.98
CA ARG A 36 -3.82 -6.17 -0.69
C ARG A 36 -3.32 -7.61 -0.82
N ALA A 37 -3.76 -8.29 -1.90
CA ALA A 37 -3.35 -9.66 -2.16
C ALA A 37 -1.85 -9.78 -2.31
N ARG A 38 -1.23 -8.76 -2.92
CA ARG A 38 0.22 -8.74 -3.11
C ARG A 38 0.92 -8.54 -1.79
N CYS A 39 0.31 -7.74 -0.93
CA CYS A 39 0.89 -7.47 0.38
C CYS A 39 0.75 -8.70 1.27
N GLN A 40 -0.39 -9.39 1.17
CA GLN A 40 -0.64 -10.58 1.96
C GLN A 40 0.27 -11.72 1.52
N ALA A 41 0.90 -11.58 0.37
CA ALA A 41 1.80 -12.59 -0.16
C ALA A 41 3.08 -12.63 0.67
N GLU A 42 3.33 -11.58 1.42
CA GLU A 42 4.50 -11.49 2.26
C GLU A 42 4.11 -11.27 3.72
N LYS A 43 4.98 -11.69 4.63
CA LYS A 43 4.71 -11.54 6.05
C LYS A 43 5.29 -10.22 6.54
N GLU A 44 6.20 -9.67 5.75
CA GLU A 44 6.85 -8.40 6.07
C GLU A 44 5.90 -7.24 5.88
N CYS A 45 4.81 -7.48 5.16
CA CYS A 45 3.82 -6.44 4.89
C CYS A 45 3.12 -5.98 6.16
N SER A 46 3.32 -4.72 6.51
CA SER A 46 2.67 -4.15 7.67
C SER A 46 1.73 -3.04 7.24
N HIS A 47 1.74 -2.75 5.94
CA HIS A 47 0.90 -1.71 5.36
C HIS A 47 1.11 -1.65 3.85
N TYR A 48 0.03 -1.60 3.10
CA TYR A 48 0.12 -1.54 1.64
C TYR A 48 -0.33 -0.17 1.14
N THR A 49 0.39 0.37 0.17
CA THR A 49 0.05 1.66 -0.39
C THR A 49 -0.33 1.52 -1.87
N TYR A 50 -1.58 1.81 -2.18
CA TYR A 50 -2.05 1.72 -3.55
C TYR A 50 -2.28 3.11 -4.12
N ASN A 51 -1.48 3.47 -5.10
CA ASN A 51 -1.60 4.78 -5.73
C ASN A 51 -2.60 4.70 -6.88
N VAL A 52 -3.75 5.35 -6.71
CA VAL A 52 -4.80 5.32 -7.73
C VAL A 52 -4.51 6.23 -8.91
N LYS A 53 -3.40 6.95 -8.87
CA LYS A 53 -3.04 7.83 -9.97
C LYS A 53 -2.28 7.05 -11.05
N SER A 54 -1.24 6.36 -10.63
CA SER A 54 -0.44 5.57 -11.54
C SER A 54 -0.98 4.13 -11.65
N GLY A 55 -1.72 3.72 -10.62
CA GLY A 55 -2.29 2.39 -10.60
C GLY A 55 -1.28 1.35 -10.15
N LEU A 56 -0.29 1.78 -9.39
CA LEU A 56 0.75 0.89 -8.92
C LEU A 56 0.54 0.53 -7.45
N CYS A 57 0.82 -0.71 -7.12
CA CYS A 57 0.69 -1.20 -5.76
C CYS A 57 2.05 -1.24 -5.10
N TYR A 58 2.14 -0.70 -3.89
CA TYR A 58 3.40 -0.66 -3.17
C TYR A 58 3.31 -1.41 -1.84
N PRO A 59 3.61 -2.71 -1.84
CA PRO A 59 3.62 -3.50 -0.61
C PRO A 59 4.86 -3.14 0.19
N LYS A 60 4.68 -2.37 1.25
CA LYS A 60 5.81 -1.92 2.04
C LYS A 60 5.88 -2.61 3.39
N ARG A 61 7.10 -2.66 3.93
CA ARG A 61 7.36 -3.29 5.20
C ARG A 61 7.94 -2.29 6.19
N GLY A 62 8.47 -2.79 7.29
CA GLY A 62 9.07 -1.94 8.30
C GLY A 62 8.06 -1.07 8.99
N LYS A 63 8.44 0.17 9.27
CA LYS A 63 7.55 1.12 9.92
C LYS A 63 6.78 1.92 8.88
N PRO A 64 5.51 2.21 9.14
CA PRO A 64 4.67 2.97 8.22
C PRO A 64 4.85 4.49 8.35
N GLN A 65 5.57 5.07 7.41
CA GLN A 65 5.81 6.51 7.40
C GLN A 65 4.70 7.18 6.60
N PHE A 66 3.60 7.50 7.29
CA PHE A 66 2.44 8.11 6.65
C PHE A 66 2.70 9.57 6.26
N TYR A 67 2.21 9.95 5.09
CA TYR A 67 2.34 11.32 4.60
C TYR A 67 1.11 11.66 3.77
N LYS A 68 0.62 12.89 3.92
CA LYS A 68 -0.57 13.32 3.20
C LYS A 68 -0.30 13.51 1.72
N TYR A 69 -1.08 12.81 0.91
CA TYR A 69 -0.94 12.88 -0.54
C TYR A 69 -2.20 12.38 -1.23
N LEU A 70 -2.80 13.25 -2.05
CA LEU A 70 -4.00 12.91 -2.78
C LEU A 70 -3.65 11.93 -3.90
N GLY A 71 -4.07 10.68 -3.74
CA GLY A 71 -3.79 9.67 -4.74
C GLY A 71 -3.23 8.41 -4.13
N ASP A 72 -2.64 8.54 -2.95
CA ASP A 72 -2.05 7.41 -2.26
C ASP A 72 -3.05 6.83 -1.26
N MET A 73 -3.38 5.57 -1.44
CA MET A 73 -4.32 4.88 -0.57
C MET A 73 -3.61 3.82 0.27
N THR A 74 -3.25 4.19 1.49
CA THR A 74 -2.59 3.26 2.38
C THR A 74 -3.62 2.45 3.17
N GLY A 75 -3.41 1.14 3.21
CA GLY A 75 -4.29 0.26 3.94
C GLY A 75 -3.50 -0.58 4.91
N SER A 76 -4.15 -1.09 5.94
CA SER A 76 -3.47 -1.91 6.93
C SER A 76 -3.12 -3.28 6.34
N ARG A 77 -4.09 -4.19 6.35
CA ARG A 77 -3.88 -5.52 5.81
C ARG A 77 -5.21 -6.26 5.68
N THR A 78 -6.12 -5.98 6.61
CA THR A 78 -7.43 -6.59 6.58
C THR A 78 -8.42 -5.76 7.41
N CYS A 79 -9.71 -5.99 7.19
CA CYS A 79 -10.74 -5.26 7.91
C CYS A 79 -11.77 -6.24 8.48
C1 NAG B . 5.05 11.68 -3.07
C2 NAG B . 5.99 10.80 -3.90
C3 NAG B . 6.68 9.82 -2.95
C4 NAG B . 7.45 10.62 -1.91
C5 NAG B . 6.46 11.50 -1.16
C6 NAG B . 7.12 12.36 -0.09
C7 NAG B . 5.42 10.28 -6.20
C8 NAG B . 4.59 9.44 -7.12
N2 NAG B . 5.23 10.08 -4.90
O1 NAG B . 4.43 12.65 -3.91
O3 NAG B . 7.59 8.97 -3.68
O4 NAG B . 8.09 9.74 -1.01
O5 NAG B . 5.79 12.39 -2.07
O6 NAG B . 7.10 13.74 -0.44
O7 NAG B . 6.23 11.09 -6.64
H1 NAG B . 4.29 11.06 -2.56
H2 NAG B . 6.77 11.42 -4.36
H3 NAG B . 5.89 9.24 -2.43
H4 NAG B . 8.16 11.26 -2.45
H5 NAG B . 5.69 10.87 -0.69
H61 NAG B . 8.16 12.07 -0.02
H62 NAG B . 6.62 12.16 0.84
H81 NAG B . 5.19 8.63 -7.50
H82 NAG B . 3.74 9.04 -6.58
H83 NAG B . 4.25 10.05 -7.94
HN2 NAG B . 4.57 9.42 -4.60
HO1 NAG B . 4.35 12.29 -4.81
HO4 NAG B . 8.86 9.40 -1.48
HO6 NAG B . 6.38 13.90 -1.07
C1 GAL B . 7.12 7.65 -4.04
C2 GAL B . 7.78 6.60 -3.13
C3 GAL B . 7.27 5.24 -3.54
C4 GAL B . 5.75 5.24 -3.36
C5 GAL B . 5.15 6.34 -4.24
C6 GAL B . 3.65 6.44 -4.11
O2 GAL B . 9.19 6.65 -3.28
O3 GAL B . 7.85 4.24 -2.71
O4 GAL B . 5.44 5.48 -2.00
O5 GAL B . 5.71 7.61 -3.88
O6 GAL B . 3.22 7.79 -4.18
H1 GAL B . 7.36 7.43 -5.09
H2 GAL B . 7.45 6.79 -2.10
H3 GAL B . 7.49 5.09 -4.60
H4 GAL B . 5.36 4.28 -3.71
H5 GAL B . 5.41 6.14 -5.29
H61 GAL B . 3.34 6.08 -3.14
H62 GAL B . 3.20 5.85 -4.89
HO2 GAL B . 9.42 7.53 -3.61
HO3 GAL B . 8.78 4.46 -2.69
HO4 GAL B . 5.04 6.37 -1.93
HO6 GAL B . 2.48 7.93 -3.56
N CYS A 10 -12.65 -2.48 5.05
CA CYS A 10 -11.20 -2.20 4.98
C CYS A 10 -10.91 -1.03 4.05
N VAL A 11 -11.80 -0.06 4.00
CA VAL A 11 -11.62 1.11 3.15
C VAL A 11 -10.88 2.19 3.93
N HIS A 12 -9.55 2.18 3.84
CA HIS A 12 -8.72 3.15 4.54
C HIS A 12 -8.77 4.51 3.84
N THR A 13 -8.12 4.60 2.69
CA THR A 13 -8.08 5.84 1.92
C THR A 13 -7.45 6.97 2.74
N GLY A 14 -8.11 8.12 2.82
CA GLY A 14 -7.59 9.23 3.60
C GLY A 14 -6.54 10.04 2.85
N ASN A 15 -6.16 9.54 1.67
CA ASN A 15 -5.15 10.20 0.83
C ASN A 15 -3.85 10.35 1.61
N ILE A 16 -3.37 9.25 2.17
CA ILE A 16 -2.15 9.25 2.94
C ILE A 16 -1.23 8.14 2.44
N GLY A 17 0.03 8.49 2.24
CA GLY A 17 1.02 7.55 1.77
C GLY A 17 1.98 7.17 2.86
N SER A 18 3.07 6.50 2.50
CA SER A 18 4.07 6.10 3.47
C SER A 18 5.45 6.01 2.83
N LYS A 19 6.41 6.71 3.41
CA LYS A 19 7.78 6.70 2.92
C LYS A 19 8.54 5.51 3.53
N ALA A 20 8.15 4.31 3.12
CA ALA A 20 8.78 3.10 3.62
C ALA A 20 9.31 2.28 2.46
N GLN A 21 10.18 1.33 2.77
CA GLN A 21 10.76 0.47 1.75
C GLN A 21 9.79 -0.63 1.36
N THR A 22 9.67 -0.83 0.05
CA THR A 22 8.81 -1.86 -0.49
C THR A 22 9.48 -3.22 -0.38
N ILE A 23 8.70 -4.26 -0.15
CA ILE A 23 9.23 -5.62 -0.03
C ILE A 23 9.61 -6.13 -1.41
N GLY A 24 8.83 -5.75 -2.40
CA GLY A 24 9.08 -6.16 -3.76
C GLY A 24 9.10 -4.98 -4.71
N GLU A 25 8.80 -5.24 -5.97
CA GLU A 25 8.77 -4.18 -6.96
C GLU A 25 7.38 -3.57 -7.04
N VAL A 26 7.31 -2.39 -7.64
CA VAL A 26 6.04 -1.71 -7.79
C VAL A 26 5.23 -2.35 -8.91
N LYS A 27 4.25 -3.14 -8.53
CA LYS A 27 3.40 -3.83 -9.50
C LYS A 27 2.11 -3.09 -9.71
N ARG A 28 1.39 -3.45 -10.77
CA ARG A 28 0.13 -2.82 -11.10
C ARG A 28 -1.01 -3.60 -10.48
N ALA A 29 -1.89 -2.90 -9.77
CA ALA A 29 -3.04 -3.53 -9.14
C ALA A 29 -4.33 -2.89 -9.62
N SER A 30 -5.27 -3.74 -10.02
CA SER A 30 -6.56 -3.29 -10.52
C SER A 30 -7.32 -2.46 -9.48
N SER A 31 -7.31 -2.92 -8.24
CA SER A 31 -7.99 -2.22 -7.17
C SER A 31 -7.22 -2.32 -5.86
N LEU A 32 -7.78 -1.73 -4.82
CA LEU A 32 -7.17 -1.73 -3.48
C LEU A 32 -7.06 -3.15 -2.95
N SER A 33 -8.11 -3.93 -3.17
CA SER A 33 -8.15 -5.32 -2.73
C SER A 33 -7.01 -6.12 -3.33
N GLU A 34 -6.68 -5.83 -4.58
CA GLU A 34 -5.59 -6.50 -5.28
C GLU A 34 -4.27 -6.22 -4.59
N CYS A 35 -4.09 -4.98 -4.16
CA CYS A 35 -2.87 -4.57 -3.47
C CYS A 35 -2.77 -5.27 -2.12
N ARG A 36 -3.89 -5.38 -1.43
CA ARG A 36 -3.93 -6.03 -0.13
C ARG A 36 -3.58 -7.51 -0.29
N ALA A 37 -4.14 -8.13 -1.32
CA ALA A 37 -3.90 -9.53 -1.62
C ALA A 37 -2.44 -9.78 -1.99
N ARG A 38 -1.85 -8.82 -2.70
CA ARG A 38 -0.45 -8.91 -3.10
C ARG A 38 0.47 -8.70 -1.91
N CYS A 39 0.08 -7.80 -1.02
CA CYS A 39 0.86 -7.50 0.16
C CYS A 39 0.81 -8.67 1.15
N GLN A 40 -0.38 -9.23 1.35
CA GLN A 40 -0.57 -10.34 2.29
C GLN A 40 0.31 -11.53 1.92
N ALA A 41 0.73 -11.60 0.66
CA ALA A 41 1.60 -12.67 0.20
C ALA A 41 2.91 -12.68 0.98
N GLU A 42 3.34 -11.50 1.40
CA GLU A 42 4.56 -11.37 2.18
C GLU A 42 4.22 -11.30 3.66
N LYS A 43 5.12 -11.82 4.48
CA LYS A 43 4.91 -11.83 5.92
C LYS A 43 5.33 -10.51 6.54
N GLU A 44 6.31 -9.86 5.93
CA GLU A 44 6.81 -8.57 6.41
C GLU A 44 5.80 -7.46 6.12
N CYS A 45 4.79 -7.77 5.33
CA CYS A 45 3.77 -6.79 4.97
C CYS A 45 3.02 -6.30 6.21
N SER A 46 3.06 -5.00 6.42
CA SER A 46 2.39 -4.39 7.54
C SER A 46 1.57 -3.20 7.08
N HIS A 47 2.03 -2.56 6.00
CA HIS A 47 1.36 -1.38 5.45
C HIS A 47 1.62 -1.28 3.95
N TYR A 48 0.55 -1.24 3.17
CA TYR A 48 0.69 -1.15 1.73
C TYR A 48 0.14 0.17 1.23
N THR A 49 0.84 0.79 0.30
CA THR A 49 0.40 2.06 -0.27
C THR A 49 -0.10 1.85 -1.69
N TYR A 50 -1.39 2.01 -1.90
CA TYR A 50 -1.96 1.84 -3.22
C TYR A 50 -2.28 3.20 -3.83
N ASN A 51 -1.55 3.56 -4.87
CA ASN A 51 -1.79 4.82 -5.55
C ASN A 51 -2.95 4.66 -6.51
N VAL A 52 -4.14 5.06 -6.06
CA VAL A 52 -5.36 4.93 -6.85
C VAL A 52 -5.34 5.83 -8.09
N LYS A 53 -4.41 6.78 -8.12
CA LYS A 53 -4.30 7.70 -9.24
C LYS A 53 -3.40 7.13 -10.35
N SER A 54 -3.23 5.82 -10.34
CA SER A 54 -2.39 5.16 -11.33
C SER A 54 -2.58 3.64 -11.26
N GLY A 55 -2.76 3.12 -10.06
CA GLY A 55 -2.92 1.69 -9.87
C GLY A 55 -1.62 1.03 -9.47
N LEU A 56 -0.78 1.79 -8.78
CA LEU A 56 0.51 1.29 -8.32
C LEU A 56 0.38 0.69 -6.94
N CYS A 57 0.80 -0.56 -6.80
CA CYS A 57 0.74 -1.24 -5.52
C CYS A 57 2.12 -1.23 -4.86
N TYR A 58 2.18 -0.71 -3.65
CA TYR A 58 3.44 -0.63 -2.91
C TYR A 58 3.38 -1.44 -1.61
N PRO A 59 3.67 -2.75 -1.66
CA PRO A 59 3.69 -3.58 -0.46
C PRO A 59 4.91 -3.24 0.38
N LYS A 60 4.73 -2.41 1.40
CA LYS A 60 5.83 -1.96 2.22
C LYS A 60 5.94 -2.71 3.55
N ARG A 61 7.14 -2.66 4.11
CA ARG A 61 7.46 -3.31 5.37
C ARG A 61 8.13 -2.30 6.30
N GLY A 62 8.73 -2.81 7.37
CA GLY A 62 9.42 -1.96 8.32
C GLY A 62 8.49 -1.04 9.10
N LYS A 63 8.87 0.22 9.17
CA LYS A 63 8.10 1.21 9.90
C LYS A 63 7.23 2.03 8.95
N PRO A 64 6.01 2.39 9.38
CA PRO A 64 5.09 3.18 8.57
C PRO A 64 5.28 4.68 8.75
N GLN A 65 5.88 5.33 7.76
CA GLN A 65 6.09 6.77 7.80
C GLN A 65 5.04 7.44 6.92
N PHE A 66 3.89 7.73 7.51
CA PHE A 66 2.76 8.32 6.80
C PHE A 66 3.01 9.78 6.41
N TYR A 67 2.58 10.12 5.20
CA TYR A 67 2.70 11.47 4.66
C TYR A 67 1.48 11.76 3.79
N LYS A 68 1.05 13.01 3.74
CA LYS A 68 -0.13 13.37 2.96
C LYS A 68 0.17 13.46 1.48
N TYR A 69 -0.59 12.72 0.67
CA TYR A 69 -0.42 12.70 -0.76
C TYR A 69 -1.73 12.34 -1.44
N LEU A 70 -2.24 13.25 -2.26
CA LEU A 70 -3.51 13.03 -2.95
C LEU A 70 -3.36 11.93 -4.00
N GLY A 71 -3.94 10.77 -3.70
CA GLY A 71 -3.87 9.65 -4.62
C GLY A 71 -3.33 8.41 -3.94
N ASP A 72 -2.52 8.61 -2.91
CA ASP A 72 -1.95 7.49 -2.16
C ASP A 72 -2.93 6.97 -1.13
N MET A 73 -3.15 5.67 -1.16
CA MET A 73 -4.07 5.03 -0.21
C MET A 73 -3.36 3.91 0.54
N THR A 74 -2.87 4.21 1.73
CA THR A 74 -2.16 3.22 2.54
C THR A 74 -3.10 2.50 3.50
N GLY A 75 -2.97 1.18 3.53
CA GLY A 75 -3.79 0.35 4.40
C GLY A 75 -2.93 -0.61 5.20
N SER A 76 -3.57 -1.56 5.87
CA SER A 76 -2.86 -2.54 6.67
C SER A 76 -2.96 -3.92 6.01
N ARG A 77 -2.11 -4.85 6.44
CA ARG A 77 -2.08 -6.20 5.88
C ARG A 77 -3.45 -6.90 5.94
N THR A 78 -4.26 -6.56 6.94
CA THR A 78 -5.57 -7.20 7.07
C THR A 78 -6.71 -6.22 6.78
N CYS A 79 -6.38 -5.01 6.34
CA CYS A 79 -7.37 -3.99 6.05
C CYS A 79 -6.74 -2.84 5.29
C1 NAG B . 5.68 12.05 -3.22
C2 NAG B . 6.48 10.98 -3.96
C3 NAG B . 6.81 9.85 -3.02
C4 NAG B . 7.61 10.44 -1.87
C5 NAG B . 6.78 11.52 -1.17
C6 NAG B . 7.51 12.18 -0.02
C7 NAG B . 5.99 10.79 -6.33
C8 NAG B . 5.12 10.20 -7.40
N2 NAG B . 5.70 10.48 -5.08
O1 NAG B . 5.43 13.15 -4.10
O3 NAG B . 7.59 8.86 -3.69
O4 NAG B . 7.93 9.40 -0.94
O5 NAG B . 6.44 12.54 -2.11
O6 NAG B . 7.58 13.59 -0.19
O7 NAG B . 6.93 11.53 -6.62
H1 NAG B . 4.73 11.64 -2.85
H2 NAG B . 7.42 11.43 -4.32
H3 NAG B . 5.86 9.44 -2.62
H4 NAG B . 8.51 10.90 -2.28
H5 NAG B . 5.85 11.06 -0.81
H61 NAG B . 8.53 11.82 -0.01
H62 NAG B . 7.01 11.89 0.89
H81 NAG B . 5.59 10.33 -8.36
H82 NAG B . 4.99 9.14 -7.21
H83 NAG B . 4.16 10.69 -7.39
HN2 NAG B . 4.93 9.88 -4.90
HO1 NAG B . 5.84 12.96 -4.95
HO4 NAG B . 8.63 8.88 -1.35
HO6 NAG B . 7.57 13.80 -1.13
C1 GAL B . 6.96 7.61 -3.99
C2 GAL B . 7.20 6.62 -2.86
C3 GAL B . 6.49 5.31 -3.19
C4 GAL B . 5.01 5.61 -3.34
C5 GAL B . 4.83 6.64 -4.45
C6 GAL B . 3.39 7.03 -4.68
O2 GAL B . 8.59 6.39 -2.72
O3 GAL B . 6.70 4.40 -2.11
O4 GAL B . 4.50 6.12 -2.11
O5 GAL B . 5.55 7.83 -4.15
O6 GAL B . 3.12 8.33 -4.23
H1 GAL B . 7.35 7.20 -4.93
H2 GAL B . 6.75 7.06 -1.96
H3 GAL B . 6.89 4.92 -4.14
H4 GAL B . 4.49 4.70 -3.66
H5 GAL B . 5.23 6.22 -5.39
H61 GAL B . 2.75 6.37 -4.10
H62 GAL B . 3.17 6.91 -5.74
HO2 GAL B . 9.02 6.73 -3.50
HO3 GAL B . 7.64 4.46 -1.94
HO4 GAL B . 3.98 6.91 -2.31
HO6 GAL B . 2.46 8.30 -3.51
N CYS A 10 -10.50 0.08 10.56
CA CYS A 10 -9.20 -0.31 9.99
C CYS A 10 -8.66 0.79 9.06
N VAL A 11 -7.34 0.94 9.01
CA VAL A 11 -6.72 1.97 8.18
C VAL A 11 -6.90 1.64 6.70
N HIS A 12 -7.45 2.60 5.96
CA HIS A 12 -7.69 2.44 4.53
C HIS A 12 -8.17 3.76 3.94
N THR A 13 -7.71 4.07 2.73
CA THR A 13 -8.09 5.31 2.05
C THR A 13 -7.64 6.54 2.86
N GLY A 14 -8.35 7.66 2.73
CA GLY A 14 -7.99 8.87 3.46
C GLY A 14 -6.81 9.58 2.83
N ASN A 15 -6.56 9.26 1.56
CA ASN A 15 -5.44 9.81 0.78
C ASN A 15 -4.16 9.95 1.60
N ILE A 16 -3.72 8.82 2.13
CA ILE A 16 -2.51 8.74 2.93
C ILE A 16 -1.51 7.79 2.28
N GLY A 17 -0.29 8.28 2.07
CA GLY A 17 0.73 7.45 1.45
C GLY A 17 1.75 6.96 2.45
N SER A 18 2.82 6.35 1.96
CA SER A 18 3.86 5.84 2.82
C SER A 18 5.22 5.89 2.12
N LYS A 19 6.15 6.62 2.70
CA LYS A 19 7.49 6.74 2.13
C LYS A 19 8.40 5.62 2.65
N ALA A 20 7.78 4.55 3.12
CA ALA A 20 8.51 3.40 3.65
C ALA A 20 9.11 2.58 2.53
N GLN A 21 10.03 1.69 2.89
CA GLN A 21 10.70 0.84 1.91
C GLN A 21 9.76 -0.27 1.42
N THR A 22 9.80 -0.50 0.12
CA THR A 22 8.98 -1.54 -0.50
C THR A 22 9.69 -2.89 -0.38
N ILE A 23 8.93 -3.94 -0.10
CA ILE A 23 9.50 -5.27 0.06
C ILE A 23 10.02 -5.83 -1.26
N GLY A 24 9.18 -5.82 -2.29
CA GLY A 24 9.59 -6.35 -3.56
C GLY A 24 9.49 -5.35 -4.69
N GLU A 25 9.21 -5.86 -5.88
CA GLU A 25 9.08 -5.04 -7.07
C GLU A 25 7.72 -4.38 -7.12
N VAL A 26 7.70 -3.10 -7.48
CA VAL A 26 6.47 -2.34 -7.59
C VAL A 26 5.73 -2.74 -8.86
N LYS A 27 4.53 -3.27 -8.71
CA LYS A 27 3.75 -3.70 -9.86
C LYS A 27 2.41 -2.99 -9.91
N ARG A 28 1.80 -3.01 -11.08
CA ARG A 28 0.50 -2.37 -11.29
C ARG A 28 -0.62 -3.23 -10.72
N ALA A 29 -1.54 -2.58 -10.02
CA ALA A 29 -2.67 -3.25 -9.43
C ALA A 29 -3.96 -2.71 -10.02
N SER A 30 -4.93 -3.58 -10.21
CA SER A 30 -6.21 -3.18 -10.77
C SER A 30 -7.06 -2.41 -9.77
N SER A 31 -6.79 -2.61 -8.48
CA SER A 31 -7.56 -1.93 -7.44
C SER A 31 -6.84 -2.04 -6.09
N LEU A 32 -7.48 -1.51 -5.05
CA LEU A 32 -6.94 -1.56 -3.70
C LEU A 32 -6.93 -2.99 -3.21
N SER A 33 -8.02 -3.72 -3.50
CA SER A 33 -8.15 -5.11 -3.12
C SER A 33 -7.06 -5.94 -3.81
N GLU A 34 -6.78 -5.59 -5.05
CA GLU A 34 -5.76 -6.26 -5.84
C GLU A 34 -4.39 -6.08 -5.16
N CYS A 35 -4.16 -4.88 -4.63
CA CYS A 35 -2.92 -4.56 -3.96
C CYS A 35 -2.86 -5.27 -2.61
N ARG A 36 -4.03 -5.38 -1.96
CA ARG A 36 -4.13 -6.05 -0.67
C ARG A 36 -3.65 -7.49 -0.78
N ALA A 37 -4.18 -8.19 -1.79
CA ALA A 37 -3.82 -9.60 -2.02
C ALA A 37 -2.33 -9.75 -2.26
N ARG A 38 -1.72 -8.76 -2.92
CA ARG A 38 -0.30 -8.80 -3.22
C ARG A 38 0.53 -8.64 -1.95
N CYS A 39 0.05 -7.81 -1.05
CA CYS A 39 0.76 -7.58 0.21
C CYS A 39 0.53 -8.73 1.18
N GLN A 40 -0.66 -9.32 1.13
CA GLN A 40 -1.00 -10.44 2.01
C GLN A 40 -0.17 -11.68 1.67
N ALA A 41 0.49 -11.65 0.52
CA ALA A 41 1.32 -12.75 0.09
C ALA A 41 2.70 -12.69 0.76
N GLU A 42 2.96 -11.58 1.44
CA GLU A 42 4.23 -11.38 2.12
C GLU A 42 4.04 -11.51 3.63
N LYS A 43 5.15 -11.66 4.35
CA LYS A 43 5.10 -11.81 5.80
C LYS A 43 5.57 -10.52 6.47
N GLU A 44 6.36 -9.75 5.75
CA GLU A 44 6.89 -8.49 6.28
C GLU A 44 5.95 -7.33 5.95
N CYS A 45 4.83 -7.65 5.30
CA CYS A 45 3.85 -6.63 4.93
C CYS A 45 3.12 -6.08 6.14
N SER A 46 3.45 -4.86 6.52
CA SER A 46 2.82 -4.22 7.65
C SER A 46 1.76 -3.23 7.15
N HIS A 47 1.86 -2.88 5.88
CA HIS A 47 0.95 -1.94 5.25
C HIS A 47 1.22 -1.85 3.76
N TYR A 48 0.18 -1.70 2.96
CA TYR A 48 0.33 -1.60 1.53
C TYR A 48 -0.15 -0.24 1.03
N THR A 49 0.63 0.38 0.19
CA THR A 49 0.27 1.68 -0.35
C THR A 49 -0.11 1.55 -1.82
N TYR A 50 -1.39 1.74 -2.12
CA TYR A 50 -1.87 1.66 -3.49
C TYR A 50 -2.14 3.05 -4.02
N ASN A 51 -1.45 3.41 -5.09
CA ASN A 51 -1.62 4.72 -5.70
C ASN A 51 -2.66 4.63 -6.82
N VAL A 52 -3.74 5.39 -6.69
CA VAL A 52 -4.81 5.38 -7.68
C VAL A 52 -4.52 6.28 -8.88
N LYS A 53 -3.45 7.05 -8.80
CA LYS A 53 -3.07 7.94 -9.90
C LYS A 53 -2.30 7.17 -10.96
N SER A 54 -1.37 6.34 -10.52
CA SER A 54 -0.54 5.55 -11.42
C SER A 54 -1.05 4.10 -11.49
N GLY A 55 -1.78 3.68 -10.46
CA GLY A 55 -2.28 2.31 -10.42
C GLY A 55 -1.20 1.33 -10.00
N LEU A 56 -0.28 1.80 -9.18
CA LEU A 56 0.82 0.96 -8.72
C LEU A 56 0.61 0.54 -7.28
N CYS A 57 0.94 -0.70 -7.00
CA CYS A 57 0.81 -1.26 -5.66
C CYS A 57 2.18 -1.31 -5.00
N TYR A 58 2.28 -0.77 -3.78
CA TYR A 58 3.55 -0.75 -3.07
C TYR A 58 3.48 -1.53 -1.77
N PRO A 59 3.79 -2.84 -1.81
CA PRO A 59 3.82 -3.67 -0.60
C PRO A 59 5.01 -3.27 0.25
N LYS A 60 4.78 -2.50 1.29
CA LYS A 60 5.86 -2.00 2.12
C LYS A 60 5.94 -2.68 3.47
N ARG A 61 7.09 -2.51 4.11
CA ARG A 61 7.36 -3.10 5.40
C ARG A 61 7.92 -2.05 6.35
N GLY A 62 8.29 -2.47 7.54
CA GLY A 62 8.86 -1.58 8.52
C GLY A 62 7.92 -0.49 8.97
N LYS A 63 8.50 0.62 9.40
CA LYS A 63 7.75 1.77 9.89
C LYS A 63 6.97 2.44 8.76
N PRO A 64 5.64 2.56 8.92
CA PRO A 64 4.78 3.18 7.93
C PRO A 64 4.88 4.71 7.95
N GLN A 65 5.80 5.23 7.16
CA GLN A 65 6.00 6.68 7.06
C GLN A 65 4.84 7.30 6.30
N PHE A 66 3.75 7.56 7.02
CA PHE A 66 2.54 8.13 6.46
C PHE A 66 2.73 9.60 6.07
N TYR A 67 2.04 10.00 5.01
CA TYR A 67 2.06 11.37 4.53
C TYR A 67 0.79 11.66 3.73
N LYS A 68 0.26 12.86 3.88
CA LYS A 68 -0.96 13.26 3.19
C LYS A 68 -0.70 13.60 1.71
N TYR A 69 -1.40 12.91 0.82
CA TYR A 69 -1.25 13.13 -0.61
C TYR A 69 -2.44 12.53 -1.36
N LEU A 70 -3.12 13.37 -2.15
CA LEU A 70 -4.27 12.94 -2.94
C LEU A 70 -3.86 11.98 -4.04
N GLY A 71 -4.04 10.69 -3.80
CA GLY A 71 -3.70 9.69 -4.79
C GLY A 71 -3.24 8.40 -4.16
N ASP A 72 -2.65 8.50 -2.98
CA ASP A 72 -2.16 7.32 -2.28
C ASP A 72 -3.20 6.78 -1.32
N MET A 73 -3.37 5.47 -1.33
CA MET A 73 -4.32 4.82 -0.45
C MET A 73 -3.65 3.68 0.30
N THR A 74 -3.07 4.00 1.44
CA THR A 74 -2.39 3.00 2.25
C THR A 74 -3.37 2.27 3.16
N GLY A 75 -3.31 0.95 3.13
CA GLY A 75 -4.16 0.13 3.95
C GLY A 75 -3.35 -0.73 4.88
N SER A 76 -3.97 -1.23 5.93
CA SER A 76 -3.27 -2.08 6.89
C SER A 76 -2.91 -3.42 6.25
N ARG A 77 -3.89 -4.27 6.04
CA ARG A 77 -3.69 -5.57 5.44
C ARG A 77 -5.03 -6.27 5.25
N THR A 78 -5.94 -6.05 6.19
CA THR A 78 -7.26 -6.64 6.14
C THR A 78 -8.13 -6.07 7.26
N CYS A 79 -9.43 -6.29 7.17
CA CYS A 79 -10.36 -5.80 8.16
C CYS A 79 -11.25 -6.93 8.66
C1 NAG B . 4.77 11.69 -2.74
C2 NAG B . 5.58 10.87 -3.73
C3 NAG B . 6.36 9.82 -2.96
C4 NAG B . 7.27 10.53 -1.96
C5 NAG B . 6.40 11.35 -1.03
C6 NAG B . 7.20 12.12 0.01
C7 NAG B . 4.80 10.35 -5.97
C8 NAG B . 3.82 9.59 -6.81
N2 NAG B . 4.68 10.21 -4.66
O1 NAG B . 4.07 12.71 -3.42
O3 NAG B . 7.17 9.05 -3.87
O4 NAG B . 8.00 9.57 -1.22
O5 NAG B . 5.64 12.31 -1.77
O6 NAG B . 6.53 13.31 0.38
O7 NAG B . 5.66 11.06 -6.49
H1 NAG B . 4.07 11.02 -2.20
H2 NAG B . 6.29 11.53 -4.26
H3 NAG B . 5.64 9.18 -2.42
H4 NAG B . 7.93 11.22 -2.51
H5 NAG B . 5.68 10.68 -0.52
H61 NAG B . 8.15 12.39 -0.40
H62 NAG B . 7.33 11.45 0.85
H81 NAG B . 3.18 10.28 -7.34
H82 NAG B . 4.35 8.97 -7.52
H83 NAG B . 3.21 8.95 -6.17
HN2 NAG B . 3.97 9.63 -4.30
HO1 NAG B . 3.54 12.32 -4.11
HO4 NAG B . 8.63 9.17 -1.84
HO6 NAG B . 5.97 13.61 -0.34
C1 GAL B . 6.84 7.65 -3.99
C2 GAL B . 7.46 6.88 -2.83
C3 GAL B . 7.06 5.42 -2.94
C4 GAL B . 5.55 5.35 -2.89
C5 GAL B . 4.97 6.18 -4.05
C6 GAL B . 3.45 6.20 -4.05
O2 GAL B . 8.88 7.00 -2.85
O3 GAL B . 7.61 4.70 -1.85
O4 GAL B . 5.08 5.88 -1.65
O5 GAL B . 5.42 7.54 -3.95
O6 GAL B . 2.97 7.52 -4.25
H1 GAL B . 7.19 7.25 -4.96
H2 GAL B . 7.03 7.29 -1.91
H3 GAL B . 7.39 5.02 -3.91
H4 GAL B . 5.21 4.32 -3.03
H5 GAL B . 5.33 5.76 -5.00
H61 GAL B . 3.09 5.90 -3.08
H62 GAL B . 3.08 5.52 -4.80
HO2 GAL B . 9.09 7.74 -3.45
HO3 GAL B . 8.46 5.15 -1.70
HO4 GAL B . 5.68 5.62 -0.94
HO6 GAL B . 2.28 7.70 -3.58
N CYS A 10 -12.60 -1.66 5.77
CA CYS A 10 -11.22 -1.51 5.24
C CYS A 10 -11.10 -0.27 4.36
N VAL A 11 -12.07 0.64 4.48
CA VAL A 11 -12.05 1.87 3.69
C VAL A 11 -11.08 2.87 4.30
N HIS A 12 -9.82 2.82 3.87
CA HIS A 12 -8.81 3.73 4.40
C HIS A 12 -8.83 5.04 3.65
N THR A 13 -8.20 5.07 2.47
CA THR A 13 -8.12 6.26 1.65
C THR A 13 -7.53 7.44 2.45
N GLY A 14 -8.23 8.57 2.48
CA GLY A 14 -7.76 9.73 3.23
C GLY A 14 -6.59 10.42 2.56
N ASN A 15 -6.15 9.86 1.43
CA ASN A 15 -5.03 10.40 0.68
C ASN A 15 -3.78 10.48 1.54
N ILE A 16 -3.48 9.36 2.19
CA ILE A 16 -2.33 9.26 3.06
C ILE A 16 -1.33 8.27 2.47
N GLY A 17 -0.13 8.75 2.21
CA GLY A 17 0.89 7.90 1.65
C GLY A 17 1.85 7.41 2.71
N SER A 18 2.68 6.45 2.35
CA SER A 18 3.64 5.89 3.27
C SER A 18 5.06 6.07 2.74
N LYS A 19 5.94 6.64 3.55
CA LYS A 19 7.32 6.88 3.16
C LYS A 19 8.20 5.69 3.55
N ALA A 20 7.58 4.52 3.65
CA ALA A 20 8.29 3.30 4.02
C ALA A 20 8.88 2.63 2.78
N GLN A 21 9.78 1.68 2.99
CA GLN A 21 10.42 0.98 1.89
C GLN A 21 9.59 -0.21 1.43
N THR A 22 9.53 -0.40 0.13
CA THR A 22 8.79 -1.50 -0.47
C THR A 22 9.54 -2.82 -0.31
N ILE A 23 8.80 -3.93 -0.32
CA ILE A 23 9.39 -5.25 -0.20
C ILE A 23 9.94 -5.71 -1.56
N GLY A 24 9.22 -5.36 -2.60
CA GLY A 24 9.62 -5.72 -3.94
C GLY A 24 9.37 -4.58 -4.91
N GLU A 25 9.26 -4.89 -6.19
CA GLU A 25 9.01 -3.87 -7.20
C GLU A 25 7.57 -3.41 -7.15
N VAL A 26 7.31 -2.24 -7.72
CA VAL A 26 5.98 -1.68 -7.74
C VAL A 26 5.17 -2.29 -8.88
N LYS A 27 4.31 -3.24 -8.52
CA LYS A 27 3.50 -3.93 -9.51
C LYS A 27 2.10 -3.31 -9.56
N ARG A 28 1.44 -3.49 -10.69
CA ARG A 28 0.10 -2.97 -10.88
C ARG A 28 -0.93 -3.92 -10.27
N ALA A 29 -1.92 -3.36 -9.60
CA ALA A 29 -2.94 -4.18 -8.96
C ALA A 29 -4.32 -3.79 -9.49
N SER A 30 -5.25 -4.74 -9.41
CA SER A 30 -6.61 -4.51 -9.88
C SER A 30 -7.25 -3.36 -9.10
N SER A 31 -7.05 -3.35 -7.79
CA SER A 31 -7.59 -2.32 -6.92
C SER A 31 -6.99 -2.45 -5.53
N LEU A 32 -7.59 -1.78 -4.56
CA LEU A 32 -7.12 -1.82 -3.18
C LEU A 32 -7.17 -3.24 -2.64
N SER A 33 -8.25 -3.94 -2.96
CA SER A 33 -8.45 -5.32 -2.54
C SER A 33 -7.31 -6.21 -3.05
N GLU A 34 -6.94 -5.97 -4.30
CA GLU A 34 -5.86 -6.73 -4.93
C GLU A 34 -4.52 -6.35 -4.34
N CYS A 35 -4.38 -5.08 -3.96
CA CYS A 35 -3.14 -4.60 -3.36
C CYS A 35 -2.90 -5.31 -2.04
N ARG A 36 -3.98 -5.53 -1.29
CA ARG A 36 -3.89 -6.23 -0.01
C ARG A 36 -3.51 -7.68 -0.24
N ALA A 37 -4.17 -8.32 -1.20
CA ALA A 37 -3.89 -9.72 -1.53
C ALA A 37 -2.46 -9.89 -2.02
N ARG A 38 -1.99 -8.90 -2.78
CA ARG A 38 -0.63 -8.93 -3.29
C ARG A 38 0.37 -8.78 -2.14
N CYS A 39 0.02 -7.94 -1.18
CA CYS A 39 0.87 -7.69 -0.03
C CYS A 39 0.83 -8.85 0.94
N GLN A 40 -0.34 -9.47 1.09
CA GLN A 40 -0.52 -10.60 2.01
C GLN A 40 0.33 -11.80 1.59
N ALA A 41 0.78 -11.80 0.33
CA ALA A 41 1.62 -12.88 -0.17
C ALA A 41 2.97 -12.87 0.54
N GLU A 42 3.31 -11.72 1.10
CA GLU A 42 4.55 -11.57 1.82
C GLU A 42 4.30 -11.64 3.33
N LYS A 43 5.36 -11.84 4.09
CA LYS A 43 5.25 -11.95 5.53
C LYS A 43 5.71 -10.65 6.19
N GLU A 44 6.60 -9.94 5.50
CA GLU A 44 7.13 -8.68 6.01
C GLU A 44 6.11 -7.55 5.82
N CYS A 45 5.13 -7.82 4.97
CA CYS A 45 4.10 -6.84 4.68
C CYS A 45 3.33 -6.47 5.94
N SER A 46 3.40 -5.20 6.30
CA SER A 46 2.71 -4.71 7.47
C SER A 46 1.82 -3.53 7.10
N HIS A 47 2.10 -2.95 5.93
CA HIS A 47 1.36 -1.80 5.43
C HIS A 47 1.63 -1.62 3.95
N TYR A 48 0.59 -1.42 3.16
CA TYR A 48 0.74 -1.23 1.72
C TYR A 48 0.18 0.12 1.30
N THR A 49 0.69 0.64 0.20
CA THR A 49 0.24 1.91 -0.31
C THR A 49 -0.28 1.75 -1.73
N TYR A 50 -1.59 1.86 -1.92
CA TYR A 50 -2.17 1.73 -3.24
C TYR A 50 -2.35 3.11 -3.85
N ASN A 51 -1.59 3.40 -4.89
CA ASN A 51 -1.68 4.69 -5.55
C ASN A 51 -2.80 4.65 -6.57
N VAL A 52 -3.97 5.14 -6.17
CA VAL A 52 -5.15 5.16 -7.04
C VAL A 52 -4.97 6.13 -8.20
N LYS A 53 -3.90 6.92 -8.16
CA LYS A 53 -3.63 7.87 -9.22
C LYS A 53 -3.00 7.18 -10.43
N SER A 54 -2.63 5.92 -10.27
CA SER A 54 -2.01 5.16 -11.35
C SER A 54 -2.48 3.70 -11.34
N GLY A 55 -2.67 3.15 -10.14
CA GLY A 55 -3.08 1.77 -10.01
C GLY A 55 -1.93 0.90 -9.56
N LEU A 56 -0.89 1.55 -9.07
CA LEU A 56 0.31 0.86 -8.60
C LEU A 56 0.14 0.43 -7.15
N CYS A 57 0.57 -0.78 -6.85
CA CYS A 57 0.49 -1.32 -5.50
C CYS A 57 1.87 -1.30 -4.87
N TYR A 58 1.97 -0.70 -3.69
CA TYR A 58 3.25 -0.61 -2.99
C TYR A 58 3.27 -1.47 -1.73
N PRO A 59 3.67 -2.75 -1.84
CA PRO A 59 3.78 -3.64 -0.68
C PRO A 59 4.97 -3.23 0.16
N LYS A 60 4.72 -2.58 1.29
CA LYS A 60 5.81 -2.09 2.14
C LYS A 60 5.97 -2.89 3.43
N ARG A 61 7.15 -2.74 4.00
CA ARG A 61 7.52 -3.42 5.24
C ARG A 61 8.16 -2.43 6.20
N GLY A 62 8.87 -2.94 7.20
CA GLY A 62 9.56 -2.10 8.16
C GLY A 62 8.63 -1.25 9.01
N LYS A 63 9.09 -0.06 9.36
CA LYS A 63 8.31 0.85 10.19
C LYS A 63 7.36 1.67 9.32
N PRO A 64 6.25 2.16 9.89
CA PRO A 64 5.28 2.95 9.17
C PRO A 64 5.58 4.44 9.14
N GLN A 65 5.82 4.94 7.95
CA GLN A 65 6.08 6.36 7.74
C GLN A 65 4.91 6.93 6.95
N PHE A 66 4.44 8.11 7.28
CA PHE A 66 3.29 8.68 6.59
C PHE A 66 3.56 10.08 6.04
N TYR A 67 2.81 10.43 5.00
CA TYR A 67 2.89 11.74 4.37
C TYR A 67 1.61 11.98 3.59
N LYS A 68 1.22 13.23 3.45
CA LYS A 68 -0.02 13.56 2.74
C LYS A 68 0.21 13.59 1.24
N TYR A 69 -0.64 12.89 0.50
CA TYR A 69 -0.54 12.84 -0.96
C TYR A 69 -1.89 12.50 -1.59
N LEU A 70 -2.40 13.41 -2.39
CA LEU A 70 -3.68 13.20 -3.06
C LEU A 70 -3.54 12.13 -4.13
N GLY A 71 -3.82 10.89 -3.76
CA GLY A 71 -3.74 9.78 -4.69
C GLY A 71 -3.20 8.52 -4.03
N ASP A 72 -2.54 8.68 -2.89
CA ASP A 72 -1.97 7.55 -2.16
C ASP A 72 -2.97 7.00 -1.15
N MET A 73 -3.10 5.68 -1.11
CA MET A 73 -4.03 5.03 -0.19
C MET A 73 -3.31 3.94 0.61
N THR A 74 -2.84 4.29 1.80
CA THR A 74 -2.16 3.32 2.65
C THR A 74 -3.18 2.48 3.43
N GLY A 75 -3.00 1.17 3.39
CA GLY A 75 -3.91 0.28 4.09
C GLY A 75 -3.18 -0.76 4.90
N SER A 76 -3.92 -1.50 5.72
CA SER A 76 -3.35 -2.52 6.58
C SER A 76 -3.40 -3.88 5.89
N ARG A 77 -2.43 -4.73 6.21
CA ARG A 77 -2.32 -6.07 5.61
C ARG A 77 -3.59 -6.90 5.83
N THR A 78 -4.30 -6.65 6.92
CA THR A 78 -5.50 -7.39 7.20
C THR A 78 -6.78 -6.56 6.97
N CYS A 79 -6.61 -5.34 6.47
CA CYS A 79 -7.73 -4.45 6.21
C CYS A 79 -7.25 -3.17 5.54
C1 NAG B . 5.54 12.04 -2.68
C2 NAG B . 6.37 11.06 -3.50
C3 NAG B . 6.84 9.93 -2.59
C4 NAG B . 7.65 10.55 -1.46
C5 NAG B . 6.78 11.55 -0.71
C6 NAG B . 7.51 12.24 0.42
C7 NAG B . 5.50 11.11 -5.76
C8 NAG B . 4.76 10.37 -6.84
N2 NAG B . 5.58 10.50 -4.59
O1 NAG B . 5.13 13.14 -3.50
O3 NAG B . 7.65 9.00 -3.33
O4 NAG B . 8.09 9.53 -0.59
O5 NAG B . 6.31 12.57 -1.60
O6 NAG B . 7.04 13.57 0.60
O7 NAG B . 6.02 12.20 -5.98
H1 NAG B . 4.66 11.52 -2.27
H2 NAG B . 7.26 11.59 -3.88
H3 NAG B . 5.95 9.45 -2.15
H4 NAG B . 8.51 11.10 -1.92
H5 NAG B . 5.91 11.02 -0.31
H61 NAG B . 8.55 12.30 0.16
H62 NAG B . 7.39 11.62 1.31
H81 NAG B . 5.03 9.32 -6.81
H82 NAG B . 3.70 10.46 -6.70
H83 NAG B . 5.04 10.77 -7.81
HN2 NAG B . 5.14 9.63 -4.46
HO1 NAG B . 5.48 13.02 -4.40
HO4 NAG B . 8.84 9.12 -1.03
HO6 NAG B . 6.67 13.89 -0.23
C1 GAL B . 7.11 7.70 -3.57
C2 GAL B . 7.44 6.77 -2.41
C3 GAL B . 6.83 5.41 -2.68
C4 GAL B . 5.33 5.58 -2.85
C5 GAL B . 5.06 6.56 -3.99
C6 GAL B . 3.59 6.82 -4.21
O2 GAL B . 8.84 6.66 -2.25
O3 GAL B . 7.11 4.54 -1.60
O4 GAL B . 4.78 6.08 -1.63
O5 GAL B . 5.69 7.81 -3.72
O6 GAL B . 3.26 6.75 -5.59
H1 GAL B . 7.52 7.28 -4.50
H2 GAL B . 6.95 7.17 -1.50
H3 GAL B . 7.25 5.03 -3.64
H4 GAL B . 4.88 4.63 -3.13
H5 GAL B . 5.50 6.16 -4.91
H61 GAL B . 3.36 7.83 -3.91
H62 GAL B . 3.01 6.12 -3.61
HO2 GAL B . 9.24 7.38 -2.76
HO3 GAL B . 7.97 4.82 -1.26
HO4 GAL B . 4.51 7.00 -1.76
HO6 GAL B . 2.32 6.88 -5.70
N CYS A 10 -10.18 0.02 10.74
CA CYS A 10 -8.93 -0.32 10.03
C CYS A 10 -8.44 0.86 9.21
N VAL A 11 -7.15 0.87 8.89
CA VAL A 11 -6.57 1.93 8.11
C VAL A 11 -6.81 1.68 6.62
N HIS A 12 -7.46 2.63 5.97
CA HIS A 12 -7.76 2.52 4.55
C HIS A 12 -8.18 3.88 4.00
N THR A 13 -7.72 4.19 2.78
CA THR A 13 -8.06 5.44 2.11
C THR A 13 -7.63 6.66 2.95
N GLY A 14 -8.20 7.82 2.67
CA GLY A 14 -7.85 9.02 3.41
C GLY A 14 -6.65 9.72 2.82
N ASN A 15 -6.43 9.48 1.53
CA ASN A 15 -5.30 10.06 0.77
C ASN A 15 -4.03 10.15 1.60
N ILE A 16 -3.61 9.01 2.11
CA ILE A 16 -2.42 8.91 2.93
C ILE A 16 -1.43 7.93 2.30
N GLY A 17 -0.22 8.40 2.09
CA GLY A 17 0.82 7.55 1.52
C GLY A 17 1.82 7.13 2.57
N SER A 18 2.67 6.18 2.23
CA SER A 18 3.67 5.71 3.17
C SER A 18 5.07 5.78 2.55
N LYS A 19 5.87 6.71 3.02
CA LYS A 19 7.23 6.88 2.53
C LYS A 19 8.16 5.86 3.19
N ALA A 20 7.75 4.61 3.17
CA ALA A 20 8.53 3.54 3.78
C ALA A 20 9.18 2.67 2.70
N GLN A 21 9.99 1.73 3.13
CA GLN A 21 10.69 0.84 2.21
C GLN A 21 9.76 -0.23 1.64
N THR A 22 9.80 -0.39 0.33
CA THR A 22 8.99 -1.38 -0.34
C THR A 22 9.67 -2.75 -0.23
N ILE A 23 8.88 -3.80 -0.02
CA ILE A 23 9.44 -5.14 0.13
C ILE A 23 10.12 -5.61 -1.14
N GLY A 24 9.39 -5.56 -2.25
CA GLY A 24 9.95 -6.01 -3.51
C GLY A 24 9.70 -5.05 -4.65
N GLU A 25 9.62 -5.61 -5.85
CA GLU A 25 9.39 -4.83 -7.06
C GLU A 25 7.98 -4.24 -7.08
N VAL A 26 7.89 -2.99 -7.53
CA VAL A 26 6.61 -2.31 -7.63
C VAL A 26 5.85 -2.81 -8.85
N LYS A 27 4.61 -3.22 -8.64
CA LYS A 27 3.78 -3.73 -9.73
C LYS A 27 2.46 -2.99 -9.77
N ARG A 28 1.78 -3.06 -10.90
CA ARG A 28 0.49 -2.40 -11.06
C ARG A 28 -0.63 -3.33 -10.64
N ALA A 29 -1.74 -2.75 -10.21
CA ALA A 29 -2.90 -3.51 -9.78
C ALA A 29 -4.15 -3.00 -10.47
N SER A 30 -5.21 -3.78 -10.43
CA SER A 30 -6.47 -3.40 -11.03
C SER A 30 -7.40 -2.76 -10.01
N SER A 31 -7.12 -3.01 -8.74
CA SER A 31 -7.94 -2.47 -7.66
C SER A 31 -7.19 -2.54 -6.33
N LEU A 32 -7.76 -1.92 -5.30
CA LEU A 32 -7.18 -1.93 -3.96
C LEU A 32 -7.11 -3.37 -3.45
N SER A 33 -8.16 -4.12 -3.73
CA SER A 33 -8.24 -5.52 -3.33
C SER A 33 -7.11 -6.33 -3.97
N GLU A 34 -6.77 -5.98 -5.20
CA GLU A 34 -5.70 -6.63 -5.93
C GLU A 34 -4.37 -6.33 -5.27
N CYS A 35 -4.21 -5.07 -4.84
CA CYS A 35 -3.00 -4.64 -4.18
C CYS A 35 -2.85 -5.34 -2.83
N ARG A 36 -3.97 -5.50 -2.13
CA ARG A 36 -3.97 -6.16 -0.84
C ARG A 36 -3.47 -7.60 -0.99
N ALA A 37 -3.92 -8.26 -2.03
CA ALA A 37 -3.52 -9.64 -2.30
C ALA A 37 -2.02 -9.73 -2.55
N ARG A 38 -1.50 -8.76 -3.29
CA ARG A 38 -0.07 -8.72 -3.60
C ARG A 38 0.74 -8.57 -2.32
N CYS A 39 0.22 -7.78 -1.39
CA CYS A 39 0.89 -7.55 -0.12
C CYS A 39 0.71 -8.74 0.81
N GLN A 40 -0.48 -9.33 0.80
CA GLN A 40 -0.78 -10.48 1.65
C GLN A 40 0.01 -11.72 1.23
N ALA A 41 0.71 -11.61 0.10
CA ALA A 41 1.54 -12.69 -0.39
C ALA A 41 2.88 -12.66 0.34
N GLU A 42 3.09 -11.63 1.14
CA GLU A 42 4.31 -11.48 1.90
C GLU A 42 4.05 -11.66 3.39
N LYS A 43 5.13 -11.72 4.16
CA LYS A 43 5.03 -11.91 5.60
C LYS A 43 5.40 -10.61 6.33
N GLU A 44 6.17 -9.76 5.67
CA GLU A 44 6.58 -8.50 6.26
C GLU A 44 5.62 -7.38 5.88
N CYS A 45 4.49 -7.75 5.31
CA CYS A 45 3.49 -6.77 4.90
C CYS A 45 2.67 -6.29 6.09
N SER A 46 2.99 -5.10 6.55
CA SER A 46 2.27 -4.51 7.68
C SER A 46 1.41 -3.34 7.19
N HIS A 47 1.62 -2.94 5.94
CA HIS A 47 0.89 -1.83 5.34
C HIS A 47 1.18 -1.77 3.84
N TYR A 48 0.14 -1.56 3.06
CA TYR A 48 0.29 -1.48 1.62
C TYR A 48 -0.23 -0.15 1.09
N THR A 49 0.54 0.49 0.23
CA THR A 49 0.16 1.77 -0.33
C THR A 49 -0.24 1.62 -1.79
N TYR A 50 -1.51 1.81 -2.08
CA TYR A 50 -2.00 1.69 -3.44
C TYR A 50 -2.23 3.08 -4.03
N ASN A 51 -1.41 3.44 -5.00
CA ASN A 51 -1.52 4.73 -5.67
C ASN A 51 -2.52 4.62 -6.80
N VAL A 52 -3.72 5.15 -6.59
CA VAL A 52 -4.80 5.07 -7.59
C VAL A 52 -4.53 5.98 -8.78
N LYS A 53 -3.62 6.93 -8.62
CA LYS A 53 -3.30 7.87 -9.69
C LYS A 53 -2.56 7.17 -10.83
N SER A 54 -1.77 6.16 -10.49
CA SER A 54 -1.02 5.41 -11.47
C SER A 54 -1.46 3.96 -11.51
N GLY A 55 -2.02 3.48 -10.41
CA GLY A 55 -2.46 2.10 -10.34
C GLY A 55 -1.35 1.19 -9.87
N LEU A 56 -0.36 1.79 -9.22
CA LEU A 56 0.80 1.06 -8.71
C LEU A 56 0.57 0.60 -7.28
N CYS A 57 0.90 -0.64 -7.02
CA CYS A 57 0.77 -1.23 -5.69
C CYS A 57 2.12 -1.25 -5.00
N TYR A 58 2.19 -0.72 -3.80
CA TYR A 58 3.43 -0.66 -3.06
C TYR A 58 3.37 -1.47 -1.77
N PRO A 59 3.75 -2.76 -1.81
CA PRO A 59 3.78 -3.61 -0.63
C PRO A 59 5.01 -3.22 0.21
N LYS A 60 4.78 -2.48 1.28
CA LYS A 60 5.88 -2.01 2.10
C LYS A 60 5.97 -2.72 3.44
N ARG A 61 7.16 -2.69 4.02
CA ARG A 61 7.43 -3.33 5.29
C ARG A 61 8.00 -2.31 6.28
N GLY A 62 8.40 -2.79 7.44
CA GLY A 62 8.98 -1.92 8.45
C GLY A 62 7.98 -0.95 9.02
N LYS A 63 8.46 0.20 9.45
CA LYS A 63 7.62 1.24 10.03
C LYS A 63 7.11 2.18 8.94
N PRO A 64 5.79 2.38 8.88
CA PRO A 64 5.18 3.25 7.88
C PRO A 64 5.38 4.73 8.18
N GLN A 65 5.56 5.52 7.13
CA GLN A 65 5.73 6.95 7.26
C GLN A 65 4.60 7.63 6.49
N PHE A 66 3.49 7.81 7.17
CA PHE A 66 2.29 8.40 6.60
C PHE A 66 2.46 9.86 6.21
N TYR A 67 2.15 10.15 4.96
CA TYR A 67 2.23 11.51 4.45
C TYR A 67 0.99 11.79 3.60
N LYS A 68 0.44 12.99 3.75
CA LYS A 68 -0.77 13.38 3.04
C LYS A 68 -0.50 13.56 1.54
N TYR A 69 -1.24 12.82 0.72
CA TYR A 69 -1.09 12.91 -0.73
C TYR A 69 -2.34 12.41 -1.44
N LEU A 70 -2.94 13.27 -2.26
CA LEU A 70 -4.15 12.91 -3.01
C LEU A 70 -3.80 11.91 -4.10
N GLY A 71 -4.12 10.65 -3.86
CA GLY A 71 -3.85 9.61 -4.82
C GLY A 71 -3.28 8.36 -4.19
N ASP A 72 -2.66 8.54 -3.03
CA ASP A 72 -2.07 7.42 -2.30
C ASP A 72 -3.06 6.86 -1.30
N MET A 73 -3.35 5.58 -1.40
CA MET A 73 -4.28 4.93 -0.50
C MET A 73 -3.59 3.82 0.28
N THR A 74 -3.09 4.14 1.46
CA THR A 74 -2.43 3.16 2.30
C THR A 74 -3.44 2.43 3.17
N GLY A 75 -3.33 1.11 3.18
CA GLY A 75 -4.21 0.29 3.97
C GLY A 75 -3.42 -0.57 4.93
N SER A 76 -4.07 -1.03 5.98
CA SER A 76 -3.40 -1.88 6.97
C SER A 76 -3.05 -3.25 6.38
N ARG A 77 -4.05 -4.13 6.33
CA ARG A 77 -3.90 -5.48 5.79
C ARG A 77 -5.23 -6.19 5.86
N THR A 78 -5.87 -6.08 7.01
CA THR A 78 -7.17 -6.68 7.22
C THR A 78 -8.07 -5.69 7.95
N CYS A 79 -9.37 -5.92 7.92
CA CYS A 79 -10.31 -5.01 8.57
C CYS A 79 -11.24 -5.79 9.49
C1 NAG B . 5.10 11.72 -2.64
C2 NAG B . 5.87 10.88 -3.66
C3 NAG B . 6.67 9.82 -2.90
C4 NAG B . 7.62 10.54 -1.96
C5 NAG B . 6.80 11.40 -1.00
C6 NAG B . 7.66 12.18 -0.02
C7 NAG B . 4.88 10.57 -5.84
C8 NAG B . 3.92 9.79 -6.70
N2 NAG B . 4.95 10.23 -4.57
O1 NAG B . 4.38 12.74 -3.31
O3 NAG B . 7.43 9.03 -3.83
O4 NAG B . 8.38 9.60 -1.23
O5 NAG B . 6.02 12.35 -1.73
O6 NAG B . 7.28 13.54 0.05
O7 NAG B . 5.55 11.48 -6.33
H1 NAG B . 4.43 11.06 -2.07
H2 NAG B . 6.57 11.52 -4.20
H3 NAG B . 5.96 9.21 -2.32
H4 NAG B . 8.26 11.22 -2.55
H5 NAG B . 6.10 10.76 -0.44
H61 NAG B . 8.68 12.15 -0.35
H62 NAG B . 7.59 11.67 0.95
H81 NAG B . 3.17 10.45 -7.11
H82 NAG B . 4.47 9.32 -7.51
H83 NAG B . 3.44 9.02 -6.10
HN2 NAG B . 4.37 9.51 -4.24
HO1 NAG B . 4.42 12.58 -4.26
HO4 NAG B . 9.21 9.44 -1.70
HO6 NAG B . 7.21 13.82 0.97
C1 GAL B . 7.00 7.67 -4.05
C2 GAL B . 7.60 6.75 -3.00
C3 GAL B . 7.10 5.34 -3.23
C4 GAL B . 5.59 5.37 -3.13
C5 GAL B . 5.04 6.32 -4.19
C6 GAL B . 3.52 6.45 -4.15
O2 GAL B . 9.02 6.78 -3.07
O3 GAL B . 7.65 4.48 -2.24
O4 GAL B . 5.20 5.81 -1.84
O5 GAL B . 5.56 7.63 -3.97
O6 GAL B . 3.11 7.80 -4.20
H1 GAL B . 7.30 7.33 -5.05
H2 GAL B . 7.24 7.07 -2.00
H3 GAL B . 7.38 5.03 -4.25
H4 GAL B . 5.18 4.37 -3.36
H5 GAL B . 5.35 5.97 -5.18
H61 GAL B . 3.14 6.06 -3.23
H62 GAL B . 3.11 5.89 -4.99
HO2 GAL B . 9.24 7.71 -3.24
HO3 GAL B . 8.50 4.88 -2.00
HO4 GAL B . 4.78 6.68 -1.93
HO6 GAL B . 2.34 7.92 -3.61
#